data_5GRB
#
_entry.id   5GRB
#
_cell.length_a   73.668
_cell.length_b   54.912
_cell.length_c   163.097
_cell.angle_alpha   90.00
_cell.angle_beta   89.98
_cell.angle_gamma   90.00
#
_symmetry.space_group_name_H-M   'P 1 21 1'
#
loop_
_entity.id
_entity.type
_entity.pdbx_description
1 polymer 'EV71 2C ATPase'
2 non-polymer 'PHOSPHOTHIOPHOSPHORIC ACID-ADENYLATE ESTER'
3 non-polymer 'ZINC ION'
4 water water
#
_entity_poly.entity_id   1
_entity_poly.type   'polypeptide(L)'
_entity_poly.pdbx_seq_one_letter_code
;SKHRIEPVCLIIRGSPGTGKSLATGIIARAIADKYHSSVYSLPPDPDHFDGYKQQVVTVMDDLCQNPDGKDMSLFCQMVS
TVDFIPPMASLAEAGVSFTSKFVIASTNATNIIVPTVSDSDAIRRRFYMDCDIEVTDSYKTDLGRLDAGRAAKLCSENNT
ANFKRCSPLVCGKAIQLRDRKSKVRYSVDTVVSELIREYSNRSAIGNTIEALFQ
;
_entity_poly.pdbx_strand_id   A,B,C,D,E,F
#
# COMPACT_ATOMS: atom_id res chain seq x y z
N HIS A 3 23.87 -10.34 -4.78
CA HIS A 3 23.68 -11.77 -4.58
C HIS A 3 22.91 -12.06 -3.30
N ARG A 4 22.31 -13.25 -3.23
CA ARG A 4 21.66 -13.68 -2.00
C ARG A 4 21.84 -15.19 -1.86
N ILE A 5 21.68 -15.68 -0.63
CA ILE A 5 21.78 -17.12 -0.38
C ILE A 5 20.55 -17.82 -0.96
N GLU A 6 20.75 -18.98 -1.59
CA GLU A 6 19.63 -19.73 -2.11
C GLU A 6 18.75 -20.08 -0.92
N PRO A 7 17.48 -19.69 -0.91
CA PRO A 7 16.60 -20.10 0.20
C PRO A 7 16.50 -21.61 0.24
N VAL A 8 16.55 -22.17 1.47
CA VAL A 8 16.53 -23.62 1.60
C VAL A 8 15.07 -24.07 1.67
N CYS A 9 14.78 -25.14 0.96
CA CYS A 9 13.42 -25.43 0.55
C CYS A 9 13.03 -26.86 0.90
N LEU A 10 11.82 -27.02 1.43
CA LEU A 10 11.26 -28.30 1.81
C LEU A 10 9.94 -28.47 1.07
N ILE A 11 9.81 -29.54 0.32
CA ILE A 11 8.54 -29.91 -0.30
C ILE A 11 8.03 -31.17 0.40
N ILE A 12 6.72 -31.22 0.61
CA ILE A 12 6.05 -32.26 1.37
C ILE A 12 4.94 -32.85 0.50
N ARG A 13 5.07 -34.13 0.16
CA ARG A 13 4.10 -34.82 -0.68
C ARG A 13 3.27 -35.81 0.13
N GLY A 14 1.96 -35.83 -0.14
CA GLY A 14 1.09 -36.81 0.50
C GLY A 14 -0.28 -36.83 -0.15
N SER A 15 -1.04 -37.85 0.22
CA SER A 15 -2.41 -37.92 -0.23
C SER A 15 -3.26 -36.94 0.58
N PRO A 16 -4.44 -36.58 0.09
CA PRO A 16 -5.30 -35.68 0.85
C PRO A 16 -5.71 -36.28 2.20
N GLY A 17 -6.01 -35.40 3.15
CA GLY A 17 -6.39 -35.77 4.51
C GLY A 17 -5.26 -36.24 5.39
N THR A 18 -4.03 -36.32 4.89
CA THR A 18 -2.89 -36.74 5.68
C THR A 18 -2.25 -35.61 6.49
N GLY A 19 -2.83 -34.40 6.46
CA GLY A 19 -2.35 -33.29 7.25
C GLY A 19 -1.13 -32.52 6.75
N LYS A 20 -1.15 -32.13 5.47
CA LYS A 20 0.00 -31.40 4.91
C LYS A 20 0.05 -29.95 5.37
N SER A 21 -1.06 -29.21 5.33
CA SER A 21 -0.93 -27.80 5.69
C SER A 21 -0.79 -27.57 7.19
N LEU A 22 -0.99 -28.59 8.01
CA LEU A 22 -0.64 -28.40 9.41
C LEU A 22 0.86 -28.51 9.58
N ALA A 23 1.47 -29.45 8.87
CA ALA A 23 2.92 -29.58 8.92
C ALA A 23 3.60 -28.35 8.33
N THR A 24 3.22 -27.95 7.11
CA THR A 24 3.81 -26.75 6.52
C THR A 24 3.57 -25.56 7.40
N GLY A 25 2.34 -25.42 7.92
CA GLY A 25 2.03 -24.35 8.85
C GLY A 25 2.96 -24.36 10.04
N ILE A 26 3.02 -25.51 10.74
CA ILE A 26 3.77 -25.62 11.98
C ILE A 26 5.27 -25.49 11.74
N ILE A 27 5.77 -26.14 10.69
CA ILE A 27 7.19 -25.98 10.35
C ILE A 27 7.52 -24.52 10.09
N ALA A 28 6.68 -23.85 9.29
CA ALA A 28 6.94 -22.49 8.87
C ALA A 28 7.00 -21.54 10.07
N ARG A 29 6.08 -21.69 10.99
CA ARG A 29 6.07 -20.73 12.09
C ARG A 29 7.08 -21.07 13.17
N ALA A 30 7.56 -22.31 13.20
CA ALA A 30 8.69 -22.59 14.08
C ALA A 30 9.95 -21.92 13.54
N ILE A 31 10.15 -22.00 12.22
CA ILE A 31 11.29 -21.34 11.62
C ILE A 31 11.14 -19.83 11.70
N ALA A 32 9.92 -19.33 11.52
CA ALA A 32 9.68 -17.90 11.68
C ALA A 32 10.13 -17.39 13.04
N ASP A 33 9.86 -18.14 14.11
CA ASP A 33 10.09 -17.62 15.45
C ASP A 33 11.57 -17.58 15.81
N LYS A 34 12.34 -18.58 15.37
CA LYS A 34 13.78 -18.55 15.67
C LYS A 34 14.43 -17.33 15.02
N TYR A 35 13.90 -16.88 13.89
CA TYR A 35 14.40 -15.73 13.17
C TYR A 35 13.61 -14.46 13.45
N HIS A 36 12.68 -14.49 14.40
CA HIS A 36 12.03 -13.30 14.94
C HIS A 36 11.28 -12.56 13.83
N SER A 37 10.53 -13.33 13.06
CA SER A 37 9.86 -12.88 11.85
C SER A 37 8.49 -13.55 11.79
N SER A 38 7.83 -13.41 10.65
CA SER A 38 6.53 -14.01 10.41
C SER A 38 6.60 -14.88 9.16
N VAL A 39 5.46 -15.39 8.73
CA VAL A 39 5.34 -16.31 7.60
C VAL A 39 4.52 -15.65 6.51
N TYR A 40 4.90 -15.88 5.26
CA TYR A 40 4.12 -15.40 4.12
C TYR A 40 3.51 -16.60 3.40
N SER A 41 2.22 -16.52 3.13
CA SER A 41 1.46 -17.61 2.51
C SER A 41 1.02 -17.21 1.11
N LEU A 42 1.56 -17.92 0.11
CA LEU A 42 1.01 -17.78 -1.23
C LEU A 42 -0.31 -18.53 -1.36
N PRO A 43 -1.20 -18.06 -2.23
CA PRO A 43 -2.39 -18.84 -2.56
C PRO A 43 -2.08 -19.87 -3.63
N PRO A 44 -3.07 -20.70 -4.00
CA PRO A 44 -2.91 -21.59 -5.15
C PRO A 44 -3.10 -20.85 -6.47
N ASP A 45 -2.52 -21.42 -7.53
CA ASP A 45 -2.42 -20.77 -8.83
C ASP A 45 -1.96 -19.32 -8.65
N PRO A 46 -0.94 -19.07 -7.83
CA PRO A 46 -0.65 -17.70 -7.38
C PRO A 46 -0.02 -16.86 -8.48
N ASP A 47 -0.63 -15.69 -8.73
CA ASP A 47 -0.16 -14.71 -9.71
C ASP A 47 0.65 -13.57 -9.12
N HIS A 48 0.62 -13.36 -7.81
CA HIS A 48 1.12 -12.13 -7.24
C HIS A 48 1.40 -12.33 -5.75
N PHE A 49 2.33 -11.52 -5.22
CA PHE A 49 2.77 -11.65 -3.84
C PHE A 49 2.21 -10.60 -2.89
N ASP A 50 1.12 -9.90 -3.25
CA ASP A 50 0.66 -8.81 -2.39
C ASP A 50 0.57 -9.28 -0.95
N GLY A 51 1.17 -8.51 -0.05
CA GLY A 51 1.31 -8.87 1.34
C GLY A 51 2.72 -9.20 1.77
N TYR A 52 3.68 -9.23 0.85
CA TYR A 52 4.99 -9.75 1.19
C TYR A 52 5.83 -8.61 1.76
N LYS A 53 6.06 -8.67 3.08
CA LYS A 53 6.83 -7.77 3.90
C LYS A 53 8.24 -8.27 4.09
N GLN A 54 8.64 -9.31 3.35
CA GLN A 54 9.91 -10.02 3.55
C GLN A 54 9.90 -10.85 4.83
N GLN A 55 8.76 -11.48 5.09
CA GLN A 55 8.68 -12.58 6.04
C GLN A 55 9.77 -13.60 5.71
N VAL A 56 10.42 -14.12 6.77
CA VAL A 56 11.55 -15.04 6.61
C VAL A 56 11.14 -16.34 5.91
N VAL A 57 9.89 -16.76 6.02
CA VAL A 57 9.44 -18.03 5.48
C VAL A 57 8.25 -17.78 4.56
N THR A 58 8.33 -18.29 3.35
CA THR A 58 7.20 -18.29 2.44
C THR A 58 6.67 -19.72 2.35
N VAL A 59 5.35 -19.86 2.27
CA VAL A 59 4.72 -21.17 2.18
C VAL A 59 3.80 -21.21 0.98
N MET A 60 3.89 -22.28 0.20
CA MET A 60 2.98 -22.54 -0.91
C MET A 60 2.16 -23.79 -0.58
N ASP A 61 0.88 -23.62 -0.22
CA ASP A 61 0.03 -24.77 -0.04
C ASP A 61 -0.37 -25.35 -1.38
N ASP A 62 -0.57 -26.67 -1.40
CA ASP A 62 -1.14 -27.35 -2.56
C ASP A 62 -0.40 -26.97 -3.83
N LEU A 63 0.93 -26.89 -3.72
CA LEU A 63 1.78 -26.22 -4.72
C LEU A 63 1.36 -26.56 -6.14
N CYS A 64 1.47 -27.84 -6.48
CA CYS A 64 0.96 -28.30 -7.76
C CYS A 64 -0.53 -27.98 -7.85
N GLN A 65 -0.89 -27.19 -8.85
CA GLN A 65 -2.28 -27.02 -9.25
C GLN A 65 -2.63 -27.91 -10.43
N ASN A 66 -1.64 -28.63 -10.92
CA ASN A 66 -1.41 -29.55 -12.04
C ASN A 66 -1.67 -29.06 -13.47
N PRO A 67 -1.68 -27.73 -13.80
CA PRO A 67 -1.11 -27.30 -15.08
C PRO A 67 0.37 -27.03 -14.91
N ASP A 68 0.63 -26.22 -13.88
CA ASP A 68 1.89 -25.94 -13.23
C ASP A 68 2.93 -25.19 -14.06
N GLY A 69 2.64 -24.81 -15.31
CA GLY A 69 3.56 -23.91 -15.99
C GLY A 69 3.89 -22.69 -15.15
N LYS A 70 2.85 -21.99 -14.67
CA LYS A 70 3.02 -20.79 -13.84
C LYS A 70 3.86 -21.07 -12.60
N ASP A 71 3.38 -21.96 -11.74
CA ASP A 71 4.03 -22.31 -10.47
C ASP A 71 5.53 -22.48 -10.61
N MET A 72 5.96 -23.42 -11.45
CA MET A 72 7.37 -23.78 -11.49
C MET A 72 8.26 -22.66 -12.02
N SER A 73 7.82 -21.93 -13.05
CA SER A 73 8.71 -20.91 -13.62
C SER A 73 8.89 -19.73 -12.68
N LEU A 74 7.88 -19.40 -11.88
CA LEU A 74 8.06 -18.37 -10.86
C LEU A 74 8.86 -18.91 -9.68
N PHE A 75 8.54 -20.13 -9.23
CA PHE A 75 9.24 -20.72 -8.09
C PHE A 75 10.70 -20.97 -8.40
N CYS A 76 11.00 -21.25 -9.66
CA CYS A 76 12.38 -21.29 -10.11
C CYS A 76 13.03 -19.93 -9.87
N GLN A 77 12.24 -18.85 -9.96
CA GLN A 77 12.80 -17.51 -9.81
C GLN A 77 12.97 -17.16 -8.32
N MET A 78 12.12 -17.70 -7.44
CA MET A 78 12.27 -17.41 -6.01
C MET A 78 13.47 -18.12 -5.42
N VAL A 79 13.64 -19.40 -5.73
CA VAL A 79 14.70 -20.20 -5.13
C VAL A 79 15.86 -20.07 -6.10
N SER A 80 16.81 -19.21 -5.77
CA SER A 80 17.86 -18.83 -6.70
C SER A 80 18.72 -17.81 -6.00
N THR A 81 19.93 -17.67 -6.49
CA THR A 81 20.91 -16.77 -5.90
C THR A 81 20.81 -15.34 -6.44
N VAL A 82 20.06 -15.13 -7.53
CA VAL A 82 19.96 -13.82 -8.17
C VAL A 82 18.96 -12.98 -7.41
N ASP A 83 18.80 -11.71 -7.81
CA ASP A 83 17.76 -10.88 -7.24
C ASP A 83 16.39 -11.32 -7.77
N PHE A 84 15.33 -11.03 -7.04
CA PHE A 84 13.99 -11.30 -7.56
C PHE A 84 12.99 -10.26 -7.09
N ILE A 85 12.32 -9.61 -8.03
CA ILE A 85 11.31 -8.58 -7.74
C ILE A 85 9.95 -9.15 -8.13
N PRO A 86 9.12 -9.56 -7.17
CA PRO A 86 7.91 -10.31 -7.51
C PRO A 86 6.77 -9.43 -8.03
N PRO A 87 5.87 -10.00 -8.82
CA PRO A 87 4.70 -9.27 -9.31
C PRO A 87 3.77 -8.84 -8.19
N MET A 88 2.95 -7.83 -8.49
CA MET A 88 2.01 -7.26 -7.53
C MET A 88 0.77 -6.72 -8.26
N ALA A 89 -0.28 -6.47 -7.48
CA ALA A 89 -1.52 -5.86 -7.96
C ALA A 89 -1.65 -4.43 -7.48
N SER A 90 -1.66 -4.19 -6.17
CA SER A 90 -1.41 -2.84 -5.69
C SER A 90 -0.10 -2.34 -6.28
N LEU A 91 -0.03 -1.05 -6.56
CA LEU A 91 1.29 -0.52 -6.88
C LEU A 91 1.95 0.05 -5.64
N ALA A 92 1.25 0.08 -4.51
CA ALA A 92 1.82 0.58 -3.26
C ALA A 92 3.09 -0.17 -2.90
N GLU A 93 3.01 -1.49 -2.75
CA GLU A 93 4.18 -2.28 -2.35
C GLU A 93 4.89 -2.96 -3.52
N ALA A 94 4.48 -2.70 -4.76
CA ALA A 94 5.28 -3.17 -5.89
C ALA A 94 6.70 -2.63 -5.76
N GLY A 95 7.67 -3.46 -6.15
CA GLY A 95 9.06 -3.10 -6.10
C GLY A 95 9.87 -3.80 -5.02
N VAL A 96 9.24 -4.44 -4.04
CA VAL A 96 10.00 -5.08 -2.98
C VAL A 96 10.69 -6.34 -3.50
N SER A 97 11.80 -6.69 -2.87
CA SER A 97 12.66 -7.81 -3.27
C SER A 97 12.39 -9.02 -2.40
N PHE A 98 12.60 -10.21 -2.97
CA PHE A 98 12.26 -11.45 -2.28
C PHE A 98 13.46 -11.92 -1.48
N THR A 99 13.38 -11.76 -0.16
CA THR A 99 14.48 -12.09 0.74
C THR A 99 14.25 -13.32 1.62
N SER A 100 13.16 -14.06 1.41
CA SER A 100 12.81 -15.14 2.35
C SER A 100 13.87 -16.23 2.40
N LYS A 101 14.22 -16.64 3.61
CA LYS A 101 15.30 -17.60 3.80
C LYS A 101 14.86 -19.04 3.59
N PHE A 102 13.58 -19.36 3.86
CA PHE A 102 13.03 -20.68 3.59
C PHE A 102 11.77 -20.62 2.76
N VAL A 103 11.58 -21.67 1.96
CA VAL A 103 10.32 -21.92 1.27
C VAL A 103 9.84 -23.29 1.69
N ILE A 104 8.59 -23.39 2.15
CA ILE A 104 7.98 -24.66 2.52
C ILE A 104 6.74 -24.86 1.66
N ALA A 105 6.67 -25.99 0.94
CA ALA A 105 5.59 -26.25 -0.02
C ALA A 105 4.95 -27.61 0.22
N SER A 106 3.73 -27.78 -0.32
CA SER A 106 2.99 -29.04 -0.25
C SER A 106 2.32 -29.34 -1.59
N THR A 107 2.23 -30.62 -1.92
CA THR A 107 1.71 -31.10 -3.21
C THR A 107 0.97 -32.41 -2.98
N ASN A 108 0.72 -33.14 -4.07
CA ASN A 108 0.18 -34.49 -4.00
C ASN A 108 1.25 -35.49 -4.46
N ALA A 109 1.14 -36.73 -4.00
CA ALA A 109 2.24 -37.67 -4.16
C ALA A 109 2.25 -38.31 -5.56
N THR A 110 3.47 -38.57 -6.04
CA THR A 110 3.80 -39.30 -7.27
C THR A 110 2.93 -38.90 -8.46
N ASN A 111 2.69 -37.60 -8.61
CA ASN A 111 2.46 -37.00 -9.91
C ASN A 111 3.75 -36.31 -10.36
N ILE A 112 3.72 -35.65 -11.51
CA ILE A 112 4.91 -35.43 -12.34
C ILE A 112 5.58 -34.08 -12.09
N ILE A 113 5.17 -33.33 -11.07
CA ILE A 113 5.80 -32.05 -10.75
C ILE A 113 5.89 -31.19 -12.01
N VAL A 114 7.11 -30.90 -12.42
CA VAL A 114 7.32 -30.00 -13.52
C VAL A 114 6.72 -30.35 -14.85
N PRO A 115 6.16 -29.25 -15.45
CA PRO A 115 5.66 -29.51 -16.80
C PRO A 115 6.88 -29.37 -17.67
N THR A 116 6.73 -29.73 -18.93
CA THR A 116 7.82 -29.61 -19.84
C THR A 116 7.51 -28.48 -20.82
N VAL A 117 8.09 -27.30 -20.67
CA VAL A 117 8.92 -26.91 -19.54
C VAL A 117 10.13 -27.74 -19.16
N SER A 118 10.23 -28.11 -17.88
CA SER A 118 11.35 -28.81 -17.34
C SER A 118 12.28 -27.62 -17.29
N ASP A 119 13.58 -27.77 -17.14
CA ASP A 119 14.25 -29.03 -16.96
C ASP A 119 13.83 -29.66 -15.68
N SER A 120 13.58 -30.94 -15.74
CA SER A 120 13.23 -31.69 -14.53
C SER A 120 14.36 -31.68 -13.51
N ASP A 121 15.61 -31.84 -13.96
CA ASP A 121 16.74 -31.73 -13.03
C ASP A 121 16.90 -30.31 -12.50
N ALA A 122 16.71 -29.30 -13.35
CA ALA A 122 17.05 -27.93 -12.95
C ALA A 122 16.22 -27.47 -11.77
N ILE A 123 14.94 -27.81 -11.73
CA ILE A 123 14.13 -27.45 -10.58
C ILE A 123 14.25 -28.42 -9.41
N ARG A 124 14.66 -29.69 -9.66
CA ARG A 124 14.65 -30.64 -8.55
C ARG A 124 15.80 -30.41 -7.59
N ARG A 125 16.95 -29.94 -8.06
CA ARG A 125 17.98 -29.57 -7.11
C ARG A 125 17.59 -28.40 -6.24
N ARG A 126 16.49 -27.71 -6.53
CA ARG A 126 16.12 -26.55 -5.74
C ARG A 126 15.52 -26.94 -4.40
N PHE A 127 15.04 -28.18 -4.25
CA PHE A 127 14.56 -28.66 -2.95
C PHE A 127 15.73 -29.25 -2.18
N TYR A 128 15.98 -28.74 -0.98
CA TYR A 128 16.98 -29.35 -0.09
C TYR A 128 16.45 -30.63 0.53
N MET A 129 15.14 -30.73 0.72
CA MET A 129 14.52 -31.92 1.23
C MET A 129 13.19 -32.14 0.52
N ASP A 130 12.98 -33.39 0.11
CA ASP A 130 11.80 -33.80 -0.62
C ASP A 130 11.25 -35.01 0.12
N CYS A 131 10.08 -34.85 0.77
CA CYS A 131 9.62 -35.77 1.78
C CYS A 131 8.18 -36.20 1.54
N ASP A 132 7.89 -37.44 1.94
CA ASP A 132 6.55 -37.98 2.03
C ASP A 132 6.00 -37.79 3.43
N ILE A 133 4.76 -37.30 3.53
CA ILE A 133 4.12 -37.15 4.84
C ILE A 133 3.40 -38.45 5.14
N GLU A 134 3.84 -39.13 6.18
CA GLU A 134 3.21 -40.37 6.53
C GLU A 134 2.55 -40.27 7.90
N VAL A 135 1.34 -40.84 7.95
CA VAL A 135 0.49 -40.81 9.12
C VAL A 135 0.67 -42.15 9.82
N THR A 136 1.10 -42.13 11.08
CA THR A 136 1.31 -43.37 11.80
C THR A 136 -0.03 -44.08 12.04
N ASP A 137 0.03 -45.41 12.14
CA ASP A 137 -1.20 -46.18 12.02
C ASP A 137 -2.08 -46.09 13.25
N SER A 138 -1.58 -45.60 14.38
CA SER A 138 -2.49 -45.31 15.47
C SER A 138 -3.24 -44.00 15.28
N TYR A 139 -2.72 -43.06 14.48
CA TYR A 139 -3.56 -41.89 14.18
C TYR A 139 -4.20 -41.88 12.80
N LYS A 140 -3.94 -42.85 11.93
CA LYS A 140 -4.77 -42.96 10.72
C LYS A 140 -6.17 -43.39 11.15
N THR A 141 -7.18 -42.64 10.74
CA THR A 141 -8.53 -43.14 10.89
C THR A 141 -8.88 -43.98 9.65
N ASP A 142 -10.08 -44.53 9.63
CA ASP A 142 -10.58 -45.12 8.39
C ASP A 142 -10.51 -44.07 7.29
N LEU A 143 -10.35 -44.53 6.05
CA LEU A 143 -10.03 -43.75 4.86
C LEU A 143 -8.56 -43.40 4.84
N GLY A 144 -7.79 -43.77 5.87
CA GLY A 144 -6.39 -43.41 5.90
C GLY A 144 -6.14 -41.94 6.09
N ARG A 145 -7.11 -41.23 6.67
CA ARG A 145 -7.03 -39.79 6.92
C ARG A 145 -6.44 -39.56 8.30
N LEU A 146 -5.66 -38.49 8.44
CA LEU A 146 -5.18 -38.12 9.77
C LEU A 146 -6.34 -37.84 10.69
N ASP A 147 -6.30 -38.40 11.90
CA ASP A 147 -7.31 -38.07 12.90
C ASP A 147 -6.74 -36.85 13.61
N ALA A 148 -7.24 -35.69 13.24
CA ALA A 148 -6.58 -34.45 13.64
C ALA A 148 -6.93 -34.06 15.07
N GLY A 149 -8.13 -34.43 15.54
CA GLY A 149 -8.52 -34.07 16.89
C GLY A 149 -7.62 -34.68 17.93
N ARG A 150 -7.43 -36.02 17.88
CA ARG A 150 -6.49 -36.64 18.79
C ARG A 150 -5.06 -36.22 18.52
N ALA A 151 -4.68 -36.09 17.25
CA ALA A 151 -3.31 -35.75 16.93
C ALA A 151 -2.90 -34.41 17.52
N ALA A 152 -3.87 -33.53 17.75
CA ALA A 152 -3.59 -32.23 18.34
C ALA A 152 -3.40 -32.30 19.84
N LYS A 153 -3.96 -33.31 20.50
CA LYS A 153 -3.92 -33.38 21.96
C LYS A 153 -2.48 -33.37 22.45
N LEU A 154 -2.15 -32.40 23.31
CA LEU A 154 -0.75 -32.22 23.71
C LEU A 154 -0.23 -33.41 24.50
N CYS A 155 1.05 -33.68 24.30
CA CYS A 155 1.76 -34.71 25.05
C CYS A 155 2.08 -34.21 26.45
N SER A 156 2.28 -35.13 27.37
CA SER A 156 2.58 -34.70 28.73
C SER A 156 4.08 -34.62 29.04
N GLU A 157 4.91 -35.16 28.17
CA GLU A 157 6.33 -34.93 28.20
C GLU A 157 6.68 -34.01 27.04
N ASN A 158 7.61 -33.11 27.23
CA ASN A 158 8.14 -32.33 26.12
C ASN A 158 9.64 -32.57 26.04
N ASN A 159 10.07 -33.40 25.10
CA ASN A 159 11.48 -33.45 24.74
C ASN A 159 11.54 -32.99 23.28
N THR A 160 11.98 -31.75 23.08
CA THR A 160 11.91 -31.14 21.77
C THR A 160 12.98 -30.06 21.69
N ALA A 161 13.48 -29.85 20.48
CA ALA A 161 14.44 -28.78 20.29
C ALA A 161 13.74 -27.43 20.15
N ASN A 162 12.71 -27.37 19.30
CA ASN A 162 12.19 -26.11 18.81
C ASN A 162 10.86 -25.64 19.39
N PHE A 163 10.20 -26.40 20.27
CA PHE A 163 8.89 -25.98 20.76
C PHE A 163 8.83 -25.84 22.27
N LYS A 164 7.93 -24.96 22.74
CA LYS A 164 7.60 -24.81 24.15
C LYS A 164 6.60 -25.85 24.65
N ARG A 165 5.64 -26.26 23.82
CA ARG A 165 4.70 -27.30 24.16
C ARG A 165 4.80 -28.37 23.10
N CYS A 166 4.27 -29.57 23.37
CA CYS A 166 4.45 -30.68 22.45
C CYS A 166 3.14 -31.44 22.22
N SER A 167 2.91 -31.87 20.99
CA SER A 167 1.78 -32.70 20.63
C SER A 167 2.25 -33.70 19.59
N PRO A 168 1.48 -34.78 19.35
CA PRO A 168 1.89 -35.78 18.35
C PRO A 168 2.11 -35.21 16.95
N LEU A 169 1.67 -33.98 16.67
CA LEU A 169 1.99 -33.34 15.41
C LEU A 169 3.46 -32.97 15.30
N VAL A 170 4.13 -32.84 16.43
CA VAL A 170 5.52 -32.40 16.51
C VAL A 170 6.46 -33.59 16.69
N CYS A 171 6.19 -34.42 17.70
CA CYS A 171 7.03 -35.57 18.07
C CYS A 171 7.44 -36.42 16.89
N GLY A 172 6.50 -36.73 16.01
CA GLY A 172 6.57 -37.90 15.16
C GLY A 172 5.63 -39.00 15.57
N LYS A 173 4.97 -38.86 16.73
CA LYS A 173 3.96 -39.82 17.12
C LYS A 173 2.87 -39.94 16.06
N ALA A 174 2.23 -38.83 15.71
CA ALA A 174 1.14 -38.86 14.73
C ALA A 174 1.63 -38.80 13.28
N ILE A 175 2.52 -37.86 12.94
CA ILE A 175 2.91 -37.67 11.55
C ILE A 175 4.43 -37.54 11.43
N GLN A 176 4.94 -38.02 10.31
CA GLN A 176 6.37 -38.03 10.05
C GLN A 176 6.61 -37.73 8.59
N LEU A 177 7.84 -37.30 8.29
CA LEU A 177 8.25 -36.97 6.93
C LEU A 177 9.49 -37.79 6.64
N ARG A 178 9.55 -38.45 5.50
CA ARG A 178 10.78 -39.14 5.17
C ARG A 178 11.30 -38.72 3.81
N ASP A 179 12.57 -38.28 3.80
CA ASP A 179 13.25 -37.79 2.62
C ASP A 179 13.23 -38.86 1.54
N ARG A 180 12.84 -38.48 0.31
CA ARG A 180 12.90 -39.43 -0.79
C ARG A 180 14.34 -39.85 -1.07
N LYS A 181 15.24 -38.88 -1.17
CA LYS A 181 16.62 -39.17 -1.58
C LYS A 181 17.38 -39.87 -0.46
N SER A 182 17.07 -39.56 0.80
CA SER A 182 17.81 -40.14 1.92
C SER A 182 17.11 -41.33 2.59
N LYS A 183 15.81 -41.52 2.34
CA LYS A 183 14.99 -42.52 3.05
C LYS A 183 15.22 -42.48 4.57
N VAL A 184 15.44 -41.28 5.11
CA VAL A 184 15.57 -41.10 6.55
C VAL A 184 14.39 -40.29 7.06
N ARG A 185 14.02 -40.57 8.32
CA ARG A 185 12.74 -40.16 8.88
C ARG A 185 12.86 -38.89 9.70
N TYR A 186 11.92 -37.95 9.53
CA TYR A 186 11.88 -36.80 10.45
C TYR A 186 10.48 -36.60 10.97
N SER A 187 10.42 -35.93 12.13
CA SER A 187 9.21 -35.29 12.65
C SER A 187 9.27 -33.81 12.35
N VAL A 188 8.19 -33.08 12.67
CA VAL A 188 8.24 -31.66 12.32
C VAL A 188 9.27 -30.98 13.21
N ASP A 189 9.51 -31.51 14.40
CA ASP A 189 10.55 -30.91 15.23
C ASP A 189 11.93 -31.19 14.67
N THR A 190 12.21 -32.45 14.32
CA THR A 190 13.53 -32.73 13.77
C THR A 190 13.69 -32.18 12.35
N VAL A 191 12.60 -31.94 11.62
CA VAL A 191 12.80 -31.35 10.30
C VAL A 191 13.16 -29.88 10.45
N VAL A 192 12.50 -29.16 11.36
CA VAL A 192 12.85 -27.78 11.64
C VAL A 192 14.33 -27.66 11.98
N SER A 193 14.80 -28.48 12.91
CA SER A 193 16.20 -28.45 13.33
C SER A 193 17.12 -28.65 12.13
N GLU A 194 16.71 -29.50 11.19
CA GLU A 194 17.49 -29.75 9.99
C GLU A 194 17.51 -28.54 9.05
N LEU A 195 16.36 -27.89 8.89
CA LEU A 195 16.30 -26.72 8.03
C LEU A 195 17.13 -25.60 8.60
N ILE A 196 17.02 -25.38 9.91
CA ILE A 196 17.82 -24.33 10.55
C ILE A 196 19.30 -24.65 10.44
N ARG A 197 19.67 -25.92 10.56
CA ARG A 197 21.07 -26.30 10.45
C ARG A 197 21.62 -25.96 9.06
N GLU A 198 20.86 -26.33 8.02
CA GLU A 198 21.27 -26.05 6.64
C GLU A 198 21.46 -24.56 6.41
N TYR A 199 20.47 -23.73 6.81
CA TYR A 199 20.64 -22.31 6.60
C TYR A 199 21.87 -21.81 7.34
N SER A 200 22.13 -22.36 8.53
CA SER A 200 23.37 -22.03 9.22
C SER A 200 24.58 -22.41 8.38
N ASN A 201 24.55 -23.58 7.76
CA ASN A 201 25.67 -24.02 6.93
C ASN A 201 25.79 -23.17 5.66
N ARG A 202 24.69 -22.63 5.15
CA ARG A 202 24.76 -21.75 4.00
C ARG A 202 25.17 -20.32 4.37
N SER A 203 24.96 -19.89 5.61
CA SER A 203 25.56 -18.64 6.07
C SER A 203 27.02 -18.81 6.47
N ALA A 204 27.46 -20.03 6.76
CA ALA A 204 28.86 -20.26 7.11
C ALA A 204 29.77 -19.93 5.94
N ILE A 205 29.41 -20.41 4.73
CA ILE A 205 30.34 -20.45 3.62
C ILE A 205 30.86 -19.06 3.25
N GLY A 206 30.11 -18.00 3.57
CA GLY A 206 30.58 -16.64 3.38
C GLY A 206 31.58 -16.20 4.43
N ASN A 207 31.32 -16.55 5.69
CA ASN A 207 32.31 -16.36 6.75
C ASN A 207 33.64 -16.99 6.40
N THR A 208 33.63 -18.18 5.81
CA THR A 208 34.86 -18.93 5.59
C THR A 208 35.59 -18.50 4.32
N ILE A 209 34.90 -17.90 3.35
CA ILE A 209 35.60 -17.34 2.20
C ILE A 209 36.31 -16.04 2.57
N GLU A 210 35.66 -15.18 3.37
CA GLU A 210 36.34 -13.98 3.85
C GLU A 210 37.50 -14.33 4.75
N ALA A 211 37.34 -15.39 5.57
CA ALA A 211 38.34 -15.74 6.58
C ALA A 211 39.71 -16.00 6.00
N LEU A 212 39.82 -16.26 4.70
CA LEU A 212 41.09 -16.58 4.09
C LEU A 212 41.78 -15.39 3.44
N PHE A 213 41.20 -14.19 3.51
CA PHE A 213 41.89 -13.03 2.98
C PHE A 213 42.49 -12.18 4.10
N LYS B 2 9.27 47.89 17.19
CA LYS B 2 10.35 46.92 17.10
C LYS B 2 9.85 45.56 17.64
N HIS B 3 8.53 45.36 17.61
CA HIS B 3 7.86 44.20 18.18
C HIS B 3 7.56 43.13 17.13
N ARG B 4 6.75 42.12 17.52
CA ARG B 4 6.43 40.99 16.65
C ARG B 4 5.18 40.28 17.17
N ILE B 5 4.76 39.24 16.45
CA ILE B 5 3.62 38.38 16.78
C ILE B 5 4.08 37.29 17.73
N GLU B 6 3.34 37.05 18.84
CA GLU B 6 3.85 36.06 19.78
C GLU B 6 3.74 34.69 19.13
N PRO B 7 4.69 33.81 19.39
CA PRO B 7 4.70 32.51 18.70
C PRO B 7 3.55 31.63 19.14
N VAL B 8 3.04 30.85 18.19
CA VAL B 8 1.94 29.93 18.48
C VAL B 8 2.53 28.64 19.05
N CYS B 9 2.01 28.20 20.18
CA CYS B 9 2.74 27.27 21.03
C CYS B 9 1.90 26.05 21.39
N LEU B 10 2.54 24.89 21.35
CA LEU B 10 1.92 23.61 21.68
C LEU B 10 2.81 22.91 22.68
N ILE B 11 2.31 22.72 23.88
CA ILE B 11 2.93 21.81 24.86
C ILE B 11 2.19 20.48 24.84
N ILE B 12 2.96 19.41 24.97
CA ILE B 12 2.48 18.05 24.82
C ILE B 12 2.95 17.25 26.03
N ARG B 13 2.00 16.73 26.81
CA ARG B 13 2.31 16.04 28.05
C ARG B 13 2.00 14.55 27.95
N GLY B 14 2.94 13.72 28.41
CA GLY B 14 2.70 12.29 28.42
C GLY B 14 3.74 11.57 29.26
N SER B 15 3.50 10.29 29.45
CA SER B 15 4.42 9.46 30.18
C SER B 15 5.54 8.97 29.27
N PRO B 16 6.67 8.55 29.84
CA PRO B 16 7.82 8.17 29.01
C PRO B 16 7.51 6.97 28.14
N GLY B 17 7.86 7.07 26.86
CA GLY B 17 7.62 5.99 25.93
C GLY B 17 6.30 6.05 25.20
N THR B 18 5.48 7.07 25.45
CA THR B 18 4.22 7.25 24.74
C THR B 18 4.39 7.97 23.40
N GLY B 19 5.61 8.23 22.98
CA GLY B 19 5.84 8.77 21.66
C GLY B 19 5.88 10.28 21.54
N LYS B 20 6.29 10.98 22.59
CA LYS B 20 6.27 12.43 22.54
C LYS B 20 7.37 13.00 21.64
N SER B 21 8.51 12.33 21.57
CA SER B 21 9.62 12.85 20.77
C SER B 21 9.34 12.71 19.29
N LEU B 22 8.57 11.69 18.89
CA LEU B 22 8.13 11.56 17.51
C LEU B 22 7.05 12.57 17.18
N ALA B 23 6.16 12.86 18.12
CA ALA B 23 5.08 13.80 17.85
C ALA B 23 5.60 15.22 17.64
N THR B 24 6.42 15.71 18.59
CA THR B 24 7.03 17.02 18.42
C THR B 24 7.83 17.08 17.12
N GLY B 25 8.64 16.05 16.86
CA GLY B 25 9.41 16.02 15.64
C GLY B 25 8.55 16.12 14.39
N ILE B 26 7.49 15.33 14.33
CA ILE B 26 6.66 15.28 13.13
C ILE B 26 5.90 16.60 12.96
N ILE B 27 5.26 17.07 14.03
CA ILE B 27 4.55 18.35 13.95
C ILE B 27 5.50 19.45 13.51
N ALA B 28 6.72 19.46 14.08
CA ALA B 28 7.71 20.48 13.75
C ALA B 28 8.04 20.47 12.26
N ARG B 29 8.44 19.30 11.75
CA ARG B 29 8.82 19.18 10.34
C ARG B 29 7.71 19.66 9.41
N ALA B 30 6.46 19.40 9.78
CA ALA B 30 5.37 19.72 8.87
C ALA B 30 5.04 21.20 8.87
N ILE B 31 5.15 21.85 10.02
CA ILE B 31 5.01 23.29 10.04
C ILE B 31 6.21 23.94 9.39
N ALA B 32 7.40 23.41 9.66
CA ALA B 32 8.60 23.89 8.99
C ALA B 32 8.45 23.87 7.47
N ASP B 33 7.74 22.87 6.94
CA ASP B 33 7.68 22.71 5.49
C ASP B 33 6.64 23.61 4.84
N LYS B 34 5.46 23.75 5.44
CA LYS B 34 4.48 24.71 4.93
C LYS B 34 5.10 26.10 4.82
N TYR B 35 5.98 26.44 5.75
CA TYR B 35 6.61 27.75 5.81
C TYR B 35 7.98 27.79 5.16
N HIS B 36 8.38 26.71 4.46
CA HIS B 36 9.58 26.71 3.61
C HIS B 36 10.82 27.04 4.42
N SER B 37 10.96 26.34 5.55
CA SER B 37 12.01 26.61 6.51
C SER B 37 12.40 25.29 7.17
N SER B 38 13.19 25.38 8.23
CA SER B 38 13.71 24.23 8.95
C SER B 38 13.34 24.37 10.41
N VAL B 39 13.80 23.40 11.21
CA VAL B 39 13.46 23.30 12.63
C VAL B 39 14.73 23.55 13.44
N TYR B 40 14.64 24.40 14.44
CA TYR B 40 15.70 24.52 15.43
C TYR B 40 15.23 23.83 16.71
N SER B 41 15.98 22.86 17.19
CA SER B 41 15.58 22.09 18.36
C SER B 41 16.55 22.36 19.51
N LEU B 42 16.02 22.98 20.58
CA LEU B 42 16.79 23.22 21.79
C LEU B 42 17.10 21.91 22.52
N PRO B 43 18.24 21.89 23.22
CA PRO B 43 18.53 20.79 24.14
C PRO B 43 17.62 20.85 25.35
N PRO B 44 17.56 19.77 26.13
CA PRO B 44 17.02 19.89 27.49
C PRO B 44 17.94 20.76 28.33
N ASP B 45 17.35 21.38 29.35
CA ASP B 45 18.06 22.13 30.37
C ASP B 45 18.94 23.18 29.68
N PRO B 46 18.42 23.89 28.70
CA PRO B 46 19.27 24.64 27.77
C PRO B 46 19.72 25.99 28.30
N ASP B 47 20.85 26.44 27.76
CA ASP B 47 21.54 27.67 28.14
C ASP B 47 21.65 28.65 26.98
N HIS B 48 22.24 28.21 25.88
CA HIS B 48 22.46 29.01 24.68
C HIS B 48 21.62 28.44 23.54
N PHE B 49 21.23 29.30 22.58
CA PHE B 49 20.60 28.76 21.37
C PHE B 49 21.66 28.80 20.28
N ASP B 50 22.46 27.75 20.19
CA ASP B 50 23.71 27.97 19.47
C ASP B 50 23.62 27.56 18.01
N GLY B 51 22.50 26.98 17.58
CA GLY B 51 22.32 26.70 16.18
C GLY B 51 21.37 27.62 15.46
N TYR B 52 20.90 28.68 16.10
CA TYR B 52 19.65 29.30 15.68
C TYR B 52 19.92 30.34 14.60
N LYS B 53 19.56 30.00 13.37
CA LYS B 53 19.39 31.00 12.32
C LYS B 53 17.93 30.93 11.87
N GLN B 54 17.10 31.73 12.53
CA GLN B 54 15.77 32.12 12.04
C GLN B 54 14.88 30.92 11.64
N GLN B 55 15.11 29.72 12.17
CA GLN B 55 14.25 28.59 11.83
C GLN B 55 12.83 28.87 12.31
N VAL B 56 11.85 28.59 11.44
CA VAL B 56 10.46 28.99 11.72
C VAL B 56 9.88 28.27 12.94
N VAL B 57 10.37 27.08 13.27
CA VAL B 57 9.85 26.30 14.38
C VAL B 57 10.98 25.97 15.34
N THR B 58 10.72 26.16 16.62
CA THR B 58 11.65 25.75 17.68
C THR B 58 11.00 24.68 18.53
N VAL B 59 11.71 23.58 18.75
CA VAL B 59 11.21 22.45 19.52
C VAL B 59 12.01 22.35 20.80
N MET B 60 11.31 22.15 21.91
CA MET B 60 11.91 21.86 23.21
C MET B 60 11.50 20.43 23.64
N ASP B 61 12.42 19.47 23.54
CA ASP B 61 12.13 18.18 24.15
C ASP B 61 12.42 18.23 25.64
N ASP B 62 11.56 17.54 26.40
CA ASP B 62 11.74 17.35 27.83
C ASP B 62 11.75 18.70 28.55
N LEU B 63 10.91 19.62 28.06
CA LEU B 63 10.82 20.96 28.61
C LEU B 63 10.61 20.94 30.11
N CYS B 64 11.36 21.80 30.79
CA CYS B 64 11.18 22.03 32.22
C CYS B 64 11.38 20.73 33.00
N GLN B 65 12.40 19.96 32.60
CA GLN B 65 12.89 18.95 33.49
C GLN B 65 13.18 19.62 34.83
N ASN B 66 12.72 18.99 35.89
CA ASN B 66 12.48 19.53 37.21
C ASN B 66 13.61 20.37 37.85
N PRO B 67 14.90 20.18 37.51
CA PRO B 67 15.89 21.21 37.86
C PRO B 67 15.68 22.51 37.07
N ASP B 68 14.44 23.02 37.13
CA ASP B 68 13.85 23.84 36.09
C ASP B 68 13.79 25.34 36.39
N GLY B 69 14.42 25.83 37.45
CA GLY B 69 14.41 27.27 37.68
C GLY B 69 14.81 28.06 36.45
N LYS B 70 15.65 27.46 35.59
CA LYS B 70 16.15 28.09 34.38
C LYS B 70 15.10 28.11 33.27
N ASP B 71 14.65 26.91 32.84
CA ASP B 71 13.91 26.76 31.59
C ASP B 71 12.75 27.76 31.46
N MET B 72 12.09 28.07 32.57
CA MET B 72 10.89 28.89 32.47
C MET B 72 11.22 30.38 32.39
N SER B 73 12.25 30.83 33.12
CA SER B 73 12.69 32.21 32.98
C SER B 73 13.08 32.52 31.53
N LEU B 74 13.65 31.53 30.84
CA LEU B 74 13.97 31.66 29.43
C LEU B 74 12.71 31.82 28.58
N PHE B 75 11.77 30.89 28.74
CA PHE B 75 10.72 30.66 27.74
C PHE B 75 9.71 31.80 27.67
N CYS B 76 9.52 32.54 28.75
CA CYS B 76 8.69 33.74 28.67
C CYS B 76 9.22 34.73 27.65
N GLN B 77 10.53 34.79 27.44
CA GLN B 77 11.03 35.84 26.56
C GLN B 77 10.87 35.47 25.09
N MET B 78 10.97 34.17 24.74
CA MET B 78 10.71 33.78 23.36
C MET B 78 9.26 33.94 22.98
N VAL B 79 8.34 33.50 23.85
CA VAL B 79 6.93 33.59 23.52
C VAL B 79 6.51 34.94 24.08
N SER B 80 6.39 35.92 23.20
CA SER B 80 6.15 37.30 23.59
C SER B 80 6.17 38.15 22.34
N THR B 81 5.55 39.31 22.46
CA THR B 81 5.51 40.29 21.39
C THR B 81 6.75 41.17 21.37
N VAL B 82 7.54 41.14 22.44
CA VAL B 82 8.74 41.96 22.54
C VAL B 82 9.87 41.34 21.72
N ASP B 83 10.84 42.17 21.39
CA ASP B 83 12.08 41.73 20.77
C ASP B 83 12.80 40.80 21.75
N PHE B 84 13.52 39.81 21.21
CA PHE B 84 14.32 38.96 22.09
C PHE B 84 15.62 38.53 21.42
N ILE B 85 16.73 38.74 22.10
CA ILE B 85 18.07 38.41 21.59
C ILE B 85 18.62 37.29 22.47
N PRO B 86 18.68 36.06 21.98
CA PRO B 86 19.07 34.92 22.82
C PRO B 86 20.57 34.82 23.02
N PRO B 87 21.00 34.25 24.15
CA PRO B 87 22.44 34.09 24.42
C PRO B 87 23.10 32.96 23.66
N MET B 88 24.38 33.18 23.31
CA MET B 88 25.19 32.27 22.51
C MET B 88 26.50 31.95 23.22
N ALA B 89 27.05 30.75 22.97
CA ALA B 89 28.41 30.46 23.39
C ALA B 89 29.45 31.01 22.42
N SER B 90 29.26 30.78 21.12
CA SER B 90 30.18 31.29 20.11
C SER B 90 29.80 32.73 19.79
N LEU B 91 30.76 33.64 19.90
CA LEU B 91 30.46 35.02 19.60
C LEU B 91 30.16 35.25 18.13
N ALA B 92 30.60 34.35 17.25
CA ALA B 92 30.28 34.49 15.83
C ALA B 92 28.77 34.60 15.62
N GLU B 93 27.99 33.86 16.41
CA GLU B 93 26.55 33.81 16.20
C GLU B 93 25.75 34.71 17.12
N ALA B 94 26.38 35.37 18.09
CA ALA B 94 25.64 36.25 18.98
C ALA B 94 25.12 37.46 18.22
N GLY B 95 23.97 37.95 18.67
CA GLY B 95 23.35 39.14 18.12
C GLY B 95 22.11 38.91 17.30
N VAL B 96 21.82 37.67 16.87
CA VAL B 96 20.61 37.42 16.09
C VAL B 96 19.41 37.36 17.01
N SER B 97 18.23 37.64 16.46
CA SER B 97 17.01 37.79 17.23
C SER B 97 16.08 36.60 16.98
N PHE B 98 15.22 36.33 17.96
CA PHE B 98 14.41 35.11 17.93
C PHE B 98 13.10 35.40 17.20
N THR B 99 12.96 34.85 16.00
CA THR B 99 11.81 35.10 15.15
C THR B 99 10.89 33.90 14.93
N SER B 100 11.13 32.76 15.59
CA SER B 100 10.38 31.56 15.21
C SER B 100 8.88 31.76 15.37
N LYS B 101 8.12 31.24 14.41
CA LYS B 101 6.68 31.46 14.40
C LYS B 101 5.94 30.49 15.32
N PHE B 102 6.45 29.28 15.50
CA PHE B 102 5.88 28.31 16.43
C PHE B 102 6.93 27.79 17.39
N VAL B 103 6.47 27.42 18.58
CA VAL B 103 7.29 26.71 19.57
C VAL B 103 6.52 25.47 19.97
N ILE B 104 7.16 24.31 19.92
CA ILE B 104 6.51 23.05 20.28
C ILE B 104 7.39 22.33 21.29
N ALA B 105 6.80 21.93 22.41
CA ALA B 105 7.53 21.32 23.52
C ALA B 105 6.82 20.06 24.02
N SER B 106 7.54 19.30 24.85
CA SER B 106 7.04 18.09 25.49
C SER B 106 7.52 18.05 26.94
N THR B 107 6.69 17.53 27.84
CA THR B 107 7.07 17.40 29.25
C THR B 107 6.41 16.15 29.83
N ASN B 108 6.68 15.85 31.11
CA ASN B 108 6.01 14.71 31.71
C ASN B 108 4.54 15.02 31.95
N ALA B 109 3.85 14.06 32.57
CA ALA B 109 2.40 14.02 32.47
C ALA B 109 1.69 15.08 33.29
N THR B 110 1.63 14.93 34.63
CA THR B 110 0.87 15.91 35.40
C THR B 110 1.65 16.82 36.37
N ASN B 111 2.97 16.73 36.49
CA ASN B 111 3.65 17.55 37.51
C ASN B 111 3.67 19.03 37.13
N ILE B 112 3.78 19.89 38.14
CA ILE B 112 3.91 21.32 37.92
C ILE B 112 5.26 21.51 37.25
N ILE B 113 5.39 22.08 36.04
CA ILE B 113 4.68 23.17 35.30
C ILE B 113 4.79 24.56 35.96
N VAL B 114 6.05 24.93 36.23
CA VAL B 114 6.57 26.23 36.68
C VAL B 114 6.76 26.34 38.20
N PRO B 115 7.67 27.21 38.66
CA PRO B 115 7.83 27.78 40.00
C PRO B 115 6.60 28.65 40.38
N THR B 116 6.24 28.94 41.64
CA THR B 116 7.09 29.01 42.83
C THR B 116 8.13 30.09 42.54
N VAL B 117 7.63 31.34 42.58
CA VAL B 117 8.17 32.62 42.07
C VAL B 117 7.59 32.99 40.69
N SER B 118 6.92 32.08 40.01
CA SER B 118 6.74 32.34 38.57
C SER B 118 5.36 32.80 38.10
N ASP B 119 4.35 32.94 38.98
CA ASP B 119 3.04 33.38 38.47
C ASP B 119 2.49 32.42 37.42
N SER B 120 1.97 31.26 37.85
CA SER B 120 1.54 30.22 36.91
C SER B 120 0.69 30.75 35.77
N ASP B 121 -0.22 31.70 36.03
CA ASP B 121 -1.10 32.17 34.97
C ASP B 121 -0.34 32.84 33.83
N ALA B 122 0.67 33.65 34.16
CA ALA B 122 1.41 34.35 33.11
C ALA B 122 2.06 33.36 32.14
N ILE B 123 2.53 32.24 32.65
CA ILE B 123 3.18 31.22 31.82
C ILE B 123 2.16 30.50 30.96
N ARG B 124 1.08 30.01 31.58
CA ARG B 124 0.18 29.14 30.87
C ARG B 124 -0.50 29.91 29.77
N ARG B 125 -0.67 31.25 29.91
CA ARG B 125 -1.51 31.81 28.84
C ARG B 125 -0.64 32.02 27.62
N ARG B 126 0.66 31.65 27.71
CA ARG B 126 1.57 31.59 26.55
C ARG B 126 1.37 30.35 25.67
N PHE B 127 0.74 29.29 26.18
CA PHE B 127 0.45 28.10 25.39
C PHE B 127 -0.89 28.23 24.68
N TYR B 128 -0.87 28.11 23.36
CA TYR B 128 -2.14 28.10 22.64
C TYR B 128 -2.84 26.76 22.78
N MET B 129 -2.09 25.67 22.90
CA MET B 129 -2.64 24.35 23.10
C MET B 129 -1.80 23.61 24.12
N ASP B 130 -2.46 22.98 25.09
CA ASP B 130 -1.83 22.13 26.10
C ASP B 130 -2.55 20.79 26.02
N CYS B 131 -1.84 19.75 25.62
CA CYS B 131 -2.44 18.48 25.22
C CYS B 131 -1.81 17.30 25.96
N ASP B 132 -2.62 16.27 26.16
CA ASP B 132 -2.17 14.96 26.62
C ASP B 132 -1.99 14.03 25.44
N ILE B 133 -0.86 13.35 25.39
CA ILE B 133 -0.60 12.40 24.32
C ILE B 133 -1.05 11.02 24.78
N GLU B 134 -2.03 10.48 24.09
CA GLU B 134 -2.59 9.18 24.41
C GLU B 134 -2.29 8.24 23.26
N VAL B 135 -1.90 7.02 23.62
CA VAL B 135 -1.66 5.96 22.65
C VAL B 135 -2.92 5.12 22.57
N THR B 136 -3.44 4.92 21.37
CA THR B 136 -4.61 4.05 21.23
C THR B 136 -4.24 2.61 21.63
N ASP B 137 -5.24 1.87 22.11
CA ASP B 137 -4.89 0.63 22.79
C ASP B 137 -4.49 -0.49 21.84
N SER B 138 -4.62 -0.32 20.52
CA SER B 138 -4.01 -1.27 19.61
C SER B 138 -2.50 -1.13 19.58
N TYR B 139 -2.01 0.09 19.71
CA TYR B 139 -0.58 0.36 19.60
C TYR B 139 0.13 0.49 20.95
N LYS B 140 -0.62 0.48 22.06
CA LYS B 140 0.03 0.26 23.35
C LYS B 140 0.63 -1.14 23.36
N THR B 141 1.92 -1.23 23.63
CA THR B 141 2.51 -2.53 23.90
C THR B 141 2.35 -2.86 25.39
N ASP B 142 2.73 -4.09 25.76
CA ASP B 142 2.38 -4.64 27.07
C ASP B 142 2.68 -3.67 28.21
N LEU B 143 3.80 -2.94 28.10
CA LEU B 143 4.23 -1.96 29.09
C LEU B 143 3.41 -0.67 29.06
N GLY B 144 2.46 -0.54 28.12
CA GLY B 144 1.75 0.71 27.97
C GLY B 144 2.50 1.76 27.19
N ARG B 145 3.70 1.44 26.72
CA ARG B 145 4.50 2.26 25.83
C ARG B 145 3.96 2.15 24.40
N LEU B 146 4.28 3.15 23.59
CA LEU B 146 3.92 3.10 22.18
C LEU B 146 4.74 2.02 21.48
N ASP B 147 4.10 1.24 20.62
CA ASP B 147 4.82 0.22 19.88
C ASP B 147 5.37 0.93 18.66
N ALA B 148 6.68 1.15 18.67
CA ALA B 148 7.27 2.16 17.80
C ALA B 148 7.22 1.74 16.34
N GLY B 149 7.67 0.52 16.04
CA GLY B 149 7.84 0.13 14.66
C GLY B 149 6.54 -0.18 13.95
N ARG B 150 5.54 -0.68 14.66
CA ARG B 150 4.30 -0.97 13.97
C ARG B 150 3.51 0.30 13.72
N ALA B 151 3.52 1.22 14.69
CA ALA B 151 2.88 2.52 14.51
C ALA B 151 3.49 3.30 13.35
N ALA B 152 4.67 2.92 12.89
CA ALA B 152 5.34 3.62 11.80
C ALA B 152 5.03 3.04 10.42
N LYS B 153 4.39 1.88 10.32
CA LYS B 153 4.17 1.33 8.99
C LYS B 153 3.13 2.18 8.27
N LEU B 154 3.45 2.58 7.03
CA LEU B 154 2.61 3.53 6.31
C LEU B 154 1.19 3.02 6.16
N CYS B 155 0.23 3.90 6.38
CA CYS B 155 -1.16 3.61 6.04
C CYS B 155 -1.31 3.43 4.54
N SER B 156 -2.28 2.63 4.13
CA SER B 156 -2.47 2.42 2.70
C SER B 156 -3.45 3.40 2.07
N GLU B 157 -4.12 4.22 2.88
CA GLU B 157 -4.89 5.35 2.41
C GLU B 157 -4.24 6.61 2.97
N ASN B 158 -4.21 7.69 2.19
CA ASN B 158 -3.73 8.98 2.70
C ASN B 158 -4.82 10.04 2.56
N ASN B 159 -5.48 10.35 3.66
CA ASN B 159 -6.49 11.38 3.76
C ASN B 159 -6.03 12.64 4.49
N THR B 160 -4.73 12.77 4.78
CA THR B 160 -4.19 13.89 5.54
C THR B 160 -4.40 15.22 4.83
N ALA B 161 -4.33 16.29 5.61
CA ALA B 161 -4.17 17.62 5.02
C ALA B 161 -2.72 17.93 4.69
N ASN B 162 -1.81 17.59 5.59
CA ASN B 162 -0.46 18.15 5.55
C ASN B 162 0.67 17.23 5.11
N PHE B 163 0.43 15.94 4.89
CA PHE B 163 1.55 15.05 4.55
C PHE B 163 1.37 14.41 3.18
N LYS B 164 2.48 14.10 2.52
CA LYS B 164 2.33 13.44 1.22
C LYS B 164 2.13 11.94 1.34
N ARG B 165 2.37 11.37 2.51
CA ARG B 165 2.10 9.97 2.77
C ARG B 165 1.76 9.84 4.24
N CYS B 166 1.08 8.75 4.60
CA CYS B 166 0.41 8.65 5.89
C CYS B 166 0.88 7.42 6.66
N SER B 167 0.90 7.53 7.98
CA SER B 167 1.09 6.38 8.84
C SER B 167 0.25 6.59 10.09
N PRO B 168 0.17 5.59 10.97
CA PRO B 168 -0.63 5.74 12.19
C PRO B 168 -0.10 6.79 13.17
N LEU B 169 1.14 7.24 13.01
CA LEU B 169 1.60 8.39 13.78
C LEU B 169 0.87 9.66 13.36
N VAL B 170 0.52 9.77 12.09
CA VAL B 170 -0.02 11.00 11.53
C VAL B 170 -1.54 11.12 11.71
N CYS B 171 -2.29 10.05 11.40
CA CYS B 171 -3.73 10.20 11.17
C CYS B 171 -4.60 9.92 12.40
N GLY B 172 -4.01 9.53 13.53
CA GLY B 172 -4.76 9.33 14.76
C GLY B 172 -4.96 7.88 15.13
N LYS B 173 -4.58 6.95 14.25
CA LYS B 173 -4.72 5.53 14.56
C LYS B 173 -3.89 5.16 15.79
N ALA B 174 -2.60 5.52 15.80
CA ALA B 174 -1.70 5.16 16.90
C ALA B 174 -1.67 6.17 18.05
N ILE B 175 -1.55 7.48 17.77
CA ILE B 175 -1.36 8.46 18.84
C ILE B 175 -2.21 9.69 18.59
N GLN B 176 -2.74 10.27 19.67
CA GLN B 176 -3.66 11.38 19.58
C GLN B 176 -3.30 12.39 20.66
N LEU B 177 -3.87 13.58 20.54
CA LEU B 177 -3.57 14.67 21.46
C LEU B 177 -4.89 15.21 21.99
N ARG B 178 -5.01 15.31 23.30
CA ARG B 178 -6.24 15.72 23.98
C ARG B 178 -6.03 17.11 24.58
N ASP B 179 -6.66 18.12 23.99
CA ASP B 179 -6.56 19.47 24.52
C ASP B 179 -7.14 19.48 25.93
N ARG B 180 -6.37 20.00 26.89
CA ARG B 180 -6.78 19.90 28.29
C ARG B 180 -7.83 20.95 28.66
N LYS B 181 -7.75 22.15 28.09
CA LYS B 181 -8.81 23.11 28.35
C LYS B 181 -10.00 22.90 27.43
N SER B 182 -9.76 22.64 26.15
CA SER B 182 -10.84 22.49 25.18
C SER B 182 -11.53 21.14 25.24
N LYS B 183 -10.85 20.12 25.77
CA LYS B 183 -11.30 18.73 25.70
C LYS B 183 -11.69 18.34 24.27
N VAL B 184 -10.78 18.60 23.31
CA VAL B 184 -10.97 18.20 21.94
C VAL B 184 -9.73 17.45 21.46
N ARG B 185 -9.96 16.42 20.64
CA ARG B 185 -8.93 15.48 20.22
C ARG B 185 -8.36 15.86 18.86
N TYR B 186 -7.04 15.76 18.73
CA TYR B 186 -6.35 15.90 17.45
C TYR B 186 -5.39 14.76 17.25
N SER B 187 -5.07 14.50 15.97
CA SER B 187 -3.90 13.76 15.57
C SER B 187 -2.82 14.76 15.16
N VAL B 188 -1.62 14.27 14.82
CA VAL B 188 -0.56 15.22 14.49
C VAL B 188 -0.94 15.99 13.23
N ASP B 189 -1.75 15.39 12.35
CA ASP B 189 -2.15 16.10 11.16
C ASP B 189 -3.21 17.16 11.46
N THR B 190 -4.24 16.80 12.24
CA THR B 190 -5.22 17.83 12.57
C THR B 190 -4.63 18.85 13.53
N VAL B 191 -3.59 18.50 14.29
CA VAL B 191 -3.01 19.53 15.15
C VAL B 191 -2.11 20.45 14.34
N VAL B 192 -1.39 19.94 13.34
CA VAL B 192 -0.65 20.84 12.46
C VAL B 192 -1.59 21.87 11.85
N SER B 193 -2.82 21.50 11.57
CA SER B 193 -3.73 22.39 10.85
C SER B 193 -4.23 23.51 11.75
N GLU B 194 -4.54 23.23 13.02
CA GLU B 194 -4.84 24.31 13.97
C GLU B 194 -3.66 25.24 14.13
N LEU B 195 -2.48 24.68 14.37
CA LEU B 195 -1.30 25.50 14.52
C LEU B 195 -1.18 26.46 13.34
N ILE B 196 -1.23 25.94 12.11
CA ILE B 196 -1.20 26.80 10.94
C ILE B 196 -2.40 27.74 10.92
N ARG B 197 -3.56 27.28 11.37
CA ARG B 197 -4.72 28.15 11.35
C ARG B 197 -4.50 29.34 12.29
N GLU B 198 -4.00 29.07 13.48
CA GLU B 198 -3.83 30.09 14.51
C GLU B 198 -2.80 31.14 14.11
N TYR B 199 -1.72 30.74 13.43
CA TYR B 199 -0.79 31.79 13.02
C TYR B 199 -1.35 32.60 11.86
N SER B 200 -2.16 31.97 11.01
CA SER B 200 -2.72 32.70 9.88
C SER B 200 -3.72 33.75 10.35
N ASN B 201 -4.46 33.48 11.42
CA ASN B 201 -5.35 34.54 11.88
C ASN B 201 -4.61 35.53 12.78
N ARG B 202 -3.42 35.18 13.27
CA ARG B 202 -2.62 36.13 14.05
C ARG B 202 -1.86 37.09 13.16
N SER B 203 -1.38 36.66 12.00
CA SER B 203 -0.84 37.63 11.06
C SER B 203 -1.94 38.38 10.33
N ALA B 204 -3.17 37.85 10.34
CA ALA B 204 -4.29 38.55 9.76
C ALA B 204 -4.63 39.81 10.56
N ILE B 205 -4.76 39.69 11.89
CA ILE B 205 -5.28 40.79 12.71
C ILE B 205 -4.49 42.06 12.47
N GLY B 206 -3.22 41.94 12.08
CA GLY B 206 -2.45 43.11 11.69
C GLY B 206 -2.85 43.68 10.34
N ASN B 207 -3.35 42.84 9.44
CA ASN B 207 -3.79 43.34 8.14
C ASN B 207 -5.18 43.94 8.21
N THR B 208 -5.97 43.58 9.22
CA THR B 208 -7.30 44.16 9.41
C THR B 208 -7.25 45.51 10.12
N ILE B 209 -6.33 45.69 11.06
CA ILE B 209 -6.20 47.00 11.72
C ILE B 209 -5.90 48.07 10.68
N GLU B 210 -4.93 47.82 9.80
CA GLU B 210 -4.59 48.78 8.77
C GLU B 210 -5.79 49.09 7.88
N ALA B 211 -6.65 48.10 7.63
CA ALA B 211 -7.85 48.32 6.82
C ALA B 211 -8.65 49.51 7.33
N LEU B 212 -8.78 49.63 8.65
CA LEU B 212 -9.46 50.77 9.24
C LEU B 212 -8.90 52.08 8.70
N PHE B 213 -7.59 52.23 8.74
CA PHE B 213 -6.98 53.54 8.49
C PHE B 213 -6.77 53.81 7.00
N LYS C 2 1.34 -11.18 15.46
CA LYS C 2 0.26 -10.28 15.83
C LYS C 2 -0.98 -10.49 14.94
N HIS C 3 -1.11 -11.67 14.32
CA HIS C 3 -1.96 -11.76 13.14
C HIS C 3 -2.98 -12.89 13.28
N ARG C 4 -3.79 -13.05 12.22
CA ARG C 4 -5.16 -13.52 12.32
C ARG C 4 -5.42 -14.51 11.17
N ILE C 5 -6.65 -14.98 11.03
CA ILE C 5 -7.00 -15.89 9.94
C ILE C 5 -7.75 -15.15 8.85
N GLU C 6 -7.44 -15.50 7.61
CA GLU C 6 -7.97 -14.80 6.45
C GLU C 6 -9.48 -14.95 6.40
N PRO C 7 -10.24 -13.85 6.39
CA PRO C 7 -11.70 -13.94 6.32
C PRO C 7 -12.21 -14.74 5.14
N VAL C 8 -13.29 -15.48 5.35
CA VAL C 8 -13.95 -16.20 4.27
C VAL C 8 -14.80 -15.22 3.48
N CYS C 9 -14.76 -15.33 2.16
CA CYS C 9 -15.36 -14.31 1.32
C CYS C 9 -16.21 -14.90 0.19
N LEU C 10 -17.36 -14.26 -0.03
CA LEU C 10 -18.29 -14.59 -1.09
C LEU C 10 -18.61 -13.31 -1.86
N ILE C 11 -18.40 -13.32 -3.18
CA ILE C 11 -18.93 -12.28 -4.04
C ILE C 11 -20.13 -12.81 -4.79
N ILE C 12 -21.21 -12.03 -4.78
CA ILE C 12 -22.41 -12.27 -5.58
C ILE C 12 -22.40 -11.30 -6.73
N ARG C 13 -22.47 -11.82 -7.96
CA ARG C 13 -22.37 -11.02 -9.16
C ARG C 13 -23.69 -11.05 -9.92
N GLY C 14 -24.24 -9.88 -10.23
CA GLY C 14 -25.41 -9.84 -11.10
C GLY C 14 -25.80 -8.47 -11.60
N SER C 15 -26.51 -8.43 -12.75
CA SER C 15 -27.06 -7.18 -13.25
C SER C 15 -28.05 -6.61 -12.22
N PRO C 16 -28.32 -5.30 -12.23
CA PRO C 16 -29.15 -4.72 -11.18
C PRO C 16 -30.55 -5.29 -11.20
N GLY C 17 -31.33 -4.88 -10.20
CA GLY C 17 -32.69 -5.35 -10.02
C GLY C 17 -32.87 -6.79 -9.56
N THR C 18 -31.79 -7.57 -9.44
CA THR C 18 -31.88 -9.01 -9.23
C THR C 18 -31.87 -9.45 -7.77
N GLY C 19 -31.83 -8.53 -6.81
CA GLY C 19 -31.87 -8.90 -5.41
C GLY C 19 -30.53 -9.16 -4.76
N LYS C 20 -29.44 -8.63 -5.32
CA LYS C 20 -28.10 -8.86 -4.78
C LYS C 20 -27.99 -8.37 -3.34
N SER C 21 -28.48 -7.16 -3.07
CA SER C 21 -28.29 -6.62 -1.72
C SER C 21 -29.14 -7.37 -0.69
N LEU C 22 -30.33 -7.84 -1.05
CA LEU C 22 -31.06 -8.77 -0.17
C LEU C 22 -30.26 -10.05 0.07
N ALA C 23 -29.72 -10.64 -1.00
CA ALA C 23 -28.93 -11.86 -0.88
C ALA C 23 -27.83 -11.69 0.18
N THR C 24 -27.13 -10.57 0.14
CA THR C 24 -26.06 -10.33 1.11
C THR C 24 -26.61 -9.96 2.48
N GLY C 25 -27.66 -9.16 2.54
CA GLY C 25 -28.25 -8.84 3.83
C GLY C 25 -28.61 -10.08 4.60
N ILE C 26 -29.32 -11.00 3.96
CA ILE C 26 -29.79 -12.21 4.63
C ILE C 26 -28.63 -13.13 4.96
N ILE C 27 -27.79 -13.44 3.96
CA ILE C 27 -26.61 -14.28 4.20
C ILE C 27 -25.76 -13.73 5.34
N ALA C 28 -25.43 -12.45 5.27
CA ALA C 28 -24.63 -11.85 6.33
C ALA C 28 -25.27 -12.09 7.68
N ARG C 29 -26.58 -11.91 7.78
CA ARG C 29 -27.17 -11.95 9.10
C ARG C 29 -27.46 -13.35 9.58
N ALA C 30 -27.67 -14.30 8.65
CA ALA C 30 -27.61 -15.71 9.02
C ALA C 30 -26.34 -15.93 9.80
N ILE C 31 -25.23 -15.74 9.09
CA ILE C 31 -23.90 -16.00 9.63
C ILE C 31 -23.69 -15.26 10.93
N ALA C 32 -24.02 -13.97 10.94
CA ALA C 32 -23.89 -13.15 12.13
C ALA C 32 -24.61 -13.78 13.32
N ASP C 33 -25.82 -14.31 13.08
CA ASP C 33 -26.60 -14.85 14.17
C ASP C 33 -26.03 -16.16 14.67
N LYS C 34 -25.45 -16.98 13.79
CA LYS C 34 -24.84 -18.21 14.26
C LYS C 34 -23.67 -17.93 15.18
N TYR C 35 -23.00 -16.78 15.03
CA TYR C 35 -21.92 -16.40 15.91
C TYR C 35 -22.30 -15.42 17.01
N HIS C 36 -23.59 -15.10 17.17
CA HIS C 36 -24.06 -14.25 18.27
C HIS C 36 -23.46 -12.85 18.15
N SER C 37 -23.58 -12.28 16.97
CA SER C 37 -22.96 -11.03 16.61
C SER C 37 -23.93 -10.26 15.72
N SER C 38 -23.51 -9.09 15.27
CA SER C 38 -24.30 -8.30 14.34
C SER C 38 -23.52 -8.15 13.03
N VAL C 39 -24.14 -7.47 12.07
CA VAL C 39 -23.54 -7.25 10.77
C VAL C 39 -23.07 -5.81 10.72
N TYR C 40 -21.86 -5.59 10.23
CA TYR C 40 -21.42 -4.23 9.95
C TYR C 40 -21.50 -4.00 8.44
N SER C 41 -22.26 -3.00 8.06
CA SER C 41 -22.69 -2.82 6.68
C SER C 41 -22.05 -1.55 6.13
N LEU C 42 -21.26 -1.71 5.19
CA LEU C 42 -20.41 -0.65 4.67
C LEU C 42 -21.13 0.10 3.55
N PRO C 43 -21.07 1.42 3.53
CA PRO C 43 -21.67 2.18 2.41
C PRO C 43 -20.80 2.07 1.17
N PRO C 44 -21.37 2.24 -0.01
CA PRO C 44 -20.55 2.30 -1.22
C PRO C 44 -19.65 3.52 -1.19
N ASP C 45 -18.61 3.50 -2.02
CA ASP C 45 -17.48 4.42 -1.93
C ASP C 45 -17.06 4.55 -0.47
N PRO C 46 -16.62 3.45 0.15
CA PRO C 46 -16.24 3.52 1.56
C PRO C 46 -15.01 4.39 1.75
N ASP C 47 -15.10 5.29 2.72
CA ASP C 47 -14.01 6.14 3.14
C ASP C 47 -13.54 5.76 4.51
N HIS C 48 -14.44 5.82 5.48
CA HIS C 48 -14.21 5.49 6.87
C HIS C 48 -15.15 4.36 7.33
N PHE C 49 -14.70 3.59 8.32
CA PHE C 49 -15.43 2.44 8.81
C PHE C 49 -16.32 2.73 10.01
N ASP C 50 -16.71 4.00 10.21
CA ASP C 50 -17.50 4.38 11.37
C ASP C 50 -18.67 3.43 11.61
N GLY C 51 -18.77 2.96 12.85
CA GLY C 51 -19.65 1.90 13.22
C GLY C 51 -18.96 0.58 13.49
N TYR C 52 -17.74 0.40 13.01
CA TYR C 52 -17.13 -0.93 13.12
C TYR C 52 -16.67 -1.12 14.55
N LYS C 53 -17.32 -2.03 15.24
CA LYS C 53 -16.85 -2.53 16.53
C LYS C 53 -16.84 -4.05 16.32
N GLN C 54 -15.74 -4.57 15.78
CA GLN C 54 -15.45 -5.99 15.55
C GLN C 54 -16.68 -6.87 15.25
N GLN C 55 -17.61 -6.40 14.42
CA GLN C 55 -18.71 -7.27 13.99
C GLN C 55 -18.17 -8.49 13.24
N VAL C 56 -18.88 -9.61 13.35
CA VAL C 56 -18.35 -10.87 12.83
C VAL C 56 -18.34 -10.91 11.31
N VAL C 57 -19.27 -10.24 10.66
CA VAL C 57 -19.32 -10.18 9.21
C VAL C 57 -19.34 -8.71 8.79
N THR C 58 -18.69 -8.41 7.69
CA THR C 58 -18.78 -7.10 7.05
C THR C 58 -19.32 -7.31 5.65
N VAL C 59 -20.28 -6.48 5.25
CA VAL C 59 -20.87 -6.56 3.92
C VAL C 59 -20.55 -5.27 3.15
N MET C 60 -20.13 -5.44 1.89
CA MET C 60 -19.81 -4.34 0.98
C MET C 60 -20.80 -4.36 -0.17
N ASP C 61 -21.58 -3.29 -0.33
CA ASP C 61 -22.53 -3.20 -1.43
C ASP C 61 -21.90 -2.44 -2.59
N ASP C 62 -22.17 -2.95 -3.80
CA ASP C 62 -21.77 -2.32 -5.06
C ASP C 62 -20.27 -2.07 -5.13
N LEU C 63 -19.50 -3.05 -4.67
CA LEU C 63 -18.04 -2.96 -4.72
C LEU C 63 -17.56 -2.73 -6.16
N CYS C 64 -16.48 -1.96 -6.28
CA CYS C 64 -15.91 -1.55 -7.57
C CYS C 64 -16.94 -0.84 -8.47
N GLN C 65 -17.52 0.24 -7.94
CA GLN C 65 -18.23 1.13 -8.83
C GLN C 65 -17.23 1.96 -9.65
N ASN C 66 -17.79 2.85 -10.46
CA ASN C 66 -17.06 3.46 -11.59
C ASN C 66 -15.91 4.36 -11.14
N ASP C 68 -12.75 4.39 -8.83
CA ASP C 68 -11.32 4.50 -9.03
C ASP C 68 -10.50 3.44 -8.31
N GLY C 69 -11.10 2.30 -7.98
CA GLY C 69 -10.34 1.22 -7.40
C GLY C 69 -9.80 1.46 -6.01
N LYS C 70 -10.36 2.43 -5.28
CA LYS C 70 -10.05 2.57 -3.87
C LYS C 70 -10.41 1.29 -3.12
N ASP C 71 -11.62 0.81 -3.35
CA ASP C 71 -12.20 -0.23 -2.51
C ASP C 71 -11.47 -1.56 -2.64
N MET C 72 -11.02 -1.89 -3.86
CA MET C 72 -10.30 -3.15 -4.02
C MET C 72 -9.01 -3.16 -3.19
N SER C 73 -8.46 -1.96 -2.93
CA SER C 73 -7.34 -1.81 -1.99
C SER C 73 -7.83 -1.81 -0.55
N LEU C 74 -9.03 -1.33 -0.30
CA LEU C 74 -9.59 -1.42 1.05
C LEU C 74 -9.94 -2.87 1.36
N PHE C 75 -10.61 -3.52 0.41
CA PHE C 75 -11.00 -4.92 0.51
C PHE C 75 -9.79 -5.85 0.59
N CYS C 76 -8.69 -5.49 -0.07
CA CYS C 76 -7.54 -6.38 -0.07
C CYS C 76 -6.88 -6.47 1.32
N GLN C 77 -7.01 -5.45 2.15
CA GLN C 77 -6.54 -5.52 3.53
C GLN C 77 -7.64 -5.93 4.51
N MET C 78 -8.91 -5.93 4.08
CA MET C 78 -9.94 -6.61 4.86
C MET C 78 -9.72 -8.11 4.85
N VAL C 79 -9.51 -8.70 3.67
CA VAL C 79 -9.26 -10.14 3.58
C VAL C 79 -7.76 -10.34 3.38
N SER C 80 -7.09 -10.69 4.47
CA SER C 80 -5.68 -11.08 4.53
C SER C 80 -5.45 -11.57 5.96
N THR C 81 -4.24 -12.05 6.23
CA THR C 81 -3.85 -12.32 7.59
C THR C 81 -3.05 -11.20 8.22
N VAL C 82 -2.69 -10.18 7.43
CA VAL C 82 -1.91 -9.07 7.97
C VAL C 82 -2.81 -8.19 8.83
N ASP C 83 -2.18 -7.42 9.71
CA ASP C 83 -2.93 -6.48 10.52
C ASP C 83 -3.55 -5.41 9.62
N PHE C 84 -4.80 -5.07 9.88
CA PHE C 84 -5.43 -3.92 9.22
C PHE C 84 -6.21 -3.12 10.24
N ILE C 85 -5.87 -1.84 10.32
CA ILE C 85 -6.57 -0.91 11.19
C ILE C 85 -7.23 0.13 10.30
N PRO C 86 -8.55 0.14 10.20
CA PRO C 86 -9.22 0.91 9.16
C PRO C 86 -9.34 2.37 9.53
N PRO C 87 -9.49 3.23 8.53
CA PRO C 87 -9.80 4.64 8.80
C PRO C 87 -11.14 4.81 9.49
N MET C 88 -11.17 5.73 10.45
CA MET C 88 -12.39 6.11 11.15
C MET C 88 -12.53 7.63 11.03
N ALA C 89 -13.76 8.13 11.08
CA ALA C 89 -13.87 9.58 11.02
C ALA C 89 -13.62 10.22 12.38
N SER C 90 -14.26 9.73 13.44
CA SER C 90 -14.08 10.39 14.73
C SER C 90 -12.96 9.69 15.49
N LEU C 91 -11.98 10.49 15.95
CA LEU C 91 -10.82 9.97 16.63
C LEU C 91 -11.18 9.15 17.85
N ALA C 92 -12.41 9.28 18.35
CA ALA C 92 -12.83 8.56 19.54
C ALA C 92 -12.72 7.05 19.35
N GLU C 93 -13.13 6.52 18.20
CA GLU C 93 -13.05 5.10 17.90
C GLU C 93 -11.90 4.70 16.96
N ALA C 94 -10.98 5.59 16.62
CA ALA C 94 -9.88 5.20 15.75
C ALA C 94 -8.96 4.17 16.41
N GLY C 95 -8.26 3.40 15.58
CA GLY C 95 -7.31 2.43 16.09
C GLY C 95 -7.87 1.11 16.59
N VAL C 96 -8.98 0.63 16.00
CA VAL C 96 -9.52 -0.70 16.29
C VAL C 96 -9.13 -1.63 15.15
N SER C 97 -8.86 -2.89 15.47
CA SER C 97 -8.38 -3.85 14.48
C SER C 97 -9.55 -4.54 13.77
N PHE C 98 -9.35 -4.84 12.50
CA PHE C 98 -10.43 -5.37 11.66
C PHE C 98 -10.38 -6.90 11.72
N THR C 99 -11.30 -7.48 12.48
CA THR C 99 -11.30 -8.89 12.79
C THR C 99 -12.40 -9.71 12.12
N SER C 100 -13.23 -9.10 11.27
CA SER C 100 -14.43 -9.79 10.77
C SER C 100 -14.06 -11.10 10.09
N LYS C 101 -14.79 -12.16 10.46
CA LYS C 101 -14.47 -13.50 9.97
C LYS C 101 -14.94 -13.71 8.54
N PHE C 102 -16.02 -13.06 8.13
CA PHE C 102 -16.51 -13.14 6.77
C PHE C 102 -16.59 -11.76 6.15
N VAL C 103 -16.46 -11.72 4.83
CA VAL C 103 -16.76 -10.52 4.05
C VAL C 103 -17.69 -10.93 2.92
N ILE C 104 -18.93 -10.41 2.94
CA ILE C 104 -19.90 -10.67 1.88
C ILE C 104 -19.97 -9.42 1.01
N ALA C 105 -20.04 -9.59 -0.29
CA ALA C 105 -19.98 -8.45 -1.19
C ALA C 105 -20.71 -8.77 -2.50
N SER C 106 -20.98 -7.70 -3.26
CA SER C 106 -21.66 -7.80 -4.54
C SER C 106 -21.11 -6.75 -5.51
N THR C 107 -21.04 -7.13 -6.79
CA THR C 107 -20.55 -6.29 -7.87
C THR C 107 -21.61 -6.26 -8.97
N ASN C 108 -21.30 -5.71 -10.14
CA ASN C 108 -22.14 -5.98 -11.31
C ASN C 108 -21.48 -6.98 -12.26
N ALA C 109 -22.23 -7.26 -13.33
CA ALA C 109 -22.34 -8.63 -13.84
C ALA C 109 -21.05 -9.14 -14.46
N THR C 110 -20.44 -8.37 -15.35
CA THR C 110 -19.49 -8.95 -16.30
C THR C 110 -18.02 -8.65 -15.99
N ILE C 123 -5.83 -11.39 -6.55
CA ILE C 123 -6.94 -10.59 -7.02
C ILE C 123 -8.18 -11.31 -6.57
N ARG C 124 -8.53 -12.30 -7.39
CA ARG C 124 -9.67 -13.16 -7.12
C ARG C 124 -9.39 -14.11 -5.96
N ARG C 125 -8.10 -14.41 -5.72
CA ARG C 125 -7.70 -15.51 -4.87
C ARG C 125 -8.42 -15.53 -3.53
N ARG C 126 -8.75 -14.36 -3.01
CA ARG C 126 -9.38 -14.21 -1.70
C ARG C 126 -10.88 -14.40 -1.74
N PHE C 127 -11.43 -14.73 -2.89
CA PHE C 127 -12.84 -15.10 -2.97
C PHE C 127 -12.83 -16.59 -2.74
N TYR C 128 -13.29 -17.01 -1.56
CA TYR C 128 -13.46 -18.44 -1.38
C TYR C 128 -14.54 -18.94 -2.32
N MET C 129 -15.54 -18.11 -2.55
CA MET C 129 -16.62 -18.40 -3.47
C MET C 129 -16.88 -17.18 -4.34
N ASP C 130 -17.08 -17.42 -5.63
CA ASP C 130 -17.33 -16.37 -6.61
C ASP C 130 -18.56 -16.82 -7.39
N CYS C 131 -19.70 -16.12 -7.22
CA CYS C 131 -21.00 -16.65 -7.61
C CYS C 131 -21.82 -15.67 -8.42
N ASP C 132 -22.68 -16.20 -9.30
CA ASP C 132 -23.68 -15.41 -10.03
C ASP C 132 -25.03 -15.53 -9.35
N ILE C 133 -25.70 -14.41 -9.17
CA ILE C 133 -27.09 -14.48 -8.74
C ILE C 133 -27.94 -14.80 -9.97
N GLU C 134 -29.01 -15.57 -9.76
CA GLU C 134 -29.94 -15.91 -10.83
C GLU C 134 -31.35 -15.92 -10.26
N VAL C 135 -32.30 -15.40 -11.03
CA VAL C 135 -33.70 -15.41 -10.63
C VAL C 135 -34.41 -16.51 -11.39
N THR C 136 -35.04 -17.42 -10.69
CA THR C 136 -35.84 -18.41 -11.38
C THR C 136 -37.19 -17.79 -11.79
N ASP C 137 -37.79 -18.41 -12.80
CA ASP C 137 -38.68 -17.74 -13.72
C ASP C 137 -40.06 -17.46 -13.13
N SER C 138 -40.56 -18.38 -12.30
CA SER C 138 -41.81 -18.13 -11.59
C SER C 138 -41.76 -16.80 -10.86
N TYR C 139 -40.59 -16.45 -10.33
CA TYR C 139 -40.41 -15.16 -9.66
C TYR C 139 -39.79 -14.09 -10.56
N LYS C 140 -39.33 -14.42 -11.77
CA LYS C 140 -38.89 -13.35 -12.65
C LYS C 140 -40.05 -12.45 -12.99
N THR C 141 -39.73 -11.21 -13.38
CA THR C 141 -40.73 -10.17 -13.60
C THR C 141 -40.22 -9.29 -14.73
N ASP C 142 -41.15 -8.55 -15.34
CA ASP C 142 -40.84 -7.66 -16.45
C ASP C 142 -39.80 -6.58 -16.10
N GLY C 144 -36.42 -8.39 -17.01
CA GLY C 144 -36.28 -9.70 -16.39
C GLY C 144 -35.59 -9.67 -15.03
N ARG C 145 -36.29 -9.13 -14.03
CA ARG C 145 -35.70 -8.87 -12.72
C ARG C 145 -36.69 -9.30 -11.64
N LEU C 146 -36.19 -9.48 -10.42
CA LEU C 146 -36.91 -10.22 -9.38
C LEU C 146 -38.21 -9.53 -8.95
N ASP C 147 -39.16 -10.34 -8.48
CA ASP C 147 -40.43 -9.89 -7.93
C ASP C 147 -40.29 -9.97 -6.41
N ALA C 148 -40.11 -8.82 -5.77
CA ALA C 148 -39.59 -8.80 -4.41
C ALA C 148 -40.65 -9.06 -3.35
N GLY C 149 -41.87 -8.55 -3.54
CA GLY C 149 -42.90 -8.84 -2.56
C GLY C 149 -43.38 -10.27 -2.64
N ARG C 150 -43.41 -10.83 -3.84
CA ARG C 150 -43.97 -12.15 -4.04
C ARG C 150 -42.97 -13.25 -3.70
N ALA C 151 -41.67 -12.97 -3.84
CA ALA C 151 -40.61 -13.86 -3.38
C ALA C 151 -40.30 -13.69 -1.91
N ALA C 152 -40.77 -12.62 -1.27
CA ALA C 152 -40.50 -12.39 0.14
C ALA C 152 -41.42 -13.20 1.05
N LYS C 153 -42.62 -13.53 0.56
CA LYS C 153 -43.62 -14.12 1.46
C LYS C 153 -43.30 -15.57 1.79
N LEU C 154 -43.70 -15.96 2.99
CA LEU C 154 -43.01 -17.00 3.74
C LEU C 154 -43.52 -18.39 3.41
N CYS C 155 -42.57 -19.29 3.14
CA CYS C 155 -42.88 -20.70 2.93
C CYS C 155 -43.55 -21.29 4.15
N SER C 156 -44.42 -22.28 3.90
CA SER C 156 -45.10 -22.97 4.97
C SER C 156 -44.15 -23.91 5.71
N GLU C 157 -43.44 -24.75 4.97
CA GLU C 157 -42.42 -25.65 5.51
C GLU C 157 -41.13 -24.89 5.79
N ASN C 158 -40.30 -25.46 6.68
CA ASN C 158 -38.92 -24.99 6.83
C ASN C 158 -38.01 -26.20 6.93
N ASN C 159 -37.24 -26.45 5.87
CA ASN C 159 -36.26 -27.52 5.79
C ASN C 159 -34.83 -27.04 6.01
N THR C 160 -34.67 -25.77 6.36
CA THR C 160 -33.40 -25.09 6.28
C THR C 160 -32.47 -25.44 7.44
N ALA C 161 -31.17 -25.44 7.14
CA ALA C 161 -30.17 -25.64 8.18
C ALA C 161 -30.04 -24.40 9.07
N ASN C 162 -30.13 -23.21 8.48
CA ASN C 162 -29.70 -22.02 9.19
C ASN C 162 -30.80 -21.04 9.64
N PHE C 163 -32.08 -21.26 9.32
CA PHE C 163 -33.06 -20.20 9.60
C PHE C 163 -34.21 -20.66 10.48
N LYS C 164 -34.82 -19.67 11.15
CA LYS C 164 -35.88 -19.89 12.12
C LYS C 164 -37.22 -20.11 11.42
N ARG C 165 -37.47 -19.39 10.33
CA ARG C 165 -38.59 -19.69 9.44
C ARG C 165 -38.13 -19.29 8.03
N CYS C 166 -38.84 -19.78 7.02
CA CYS C 166 -38.28 -19.83 5.66
C CYS C 166 -39.10 -18.97 4.68
N SER C 167 -38.63 -18.93 3.42
CA SER C 167 -39.07 -18.00 2.39
C SER C 167 -38.34 -18.31 1.08
N PRO C 168 -38.93 -18.05 -0.09
CA PRO C 168 -38.29 -18.42 -1.36
C PRO C 168 -36.96 -17.73 -1.63
N LEU C 169 -36.63 -16.65 -0.90
CA LEU C 169 -35.29 -16.09 -1.01
C LEU C 169 -34.27 -17.02 -0.35
N VAL C 170 -34.67 -17.71 0.70
CA VAL C 170 -33.79 -18.65 1.40
C VAL C 170 -33.73 -20.00 0.70
N CYS C 171 -34.89 -20.50 0.25
CA CYS C 171 -35.03 -21.89 -0.22
C CYS C 171 -34.08 -22.23 -1.35
N GLY C 172 -33.96 -21.32 -2.31
CA GLY C 172 -33.62 -21.65 -3.67
C GLY C 172 -34.76 -21.46 -4.64
N LYS C 173 -35.98 -21.23 -4.15
CA LYS C 173 -37.11 -21.05 -5.04
C LYS C 173 -36.92 -19.83 -5.94
N ALA C 174 -36.79 -18.64 -5.33
CA ALA C 174 -36.70 -17.39 -6.11
C ALA C 174 -35.30 -17.13 -6.65
N ILE C 175 -34.27 -17.21 -5.81
CA ILE C 175 -32.91 -16.93 -6.20
C ILE C 175 -32.01 -18.09 -5.78
N GLN C 176 -31.08 -18.44 -6.65
CA GLN C 176 -30.07 -19.44 -6.35
C GLN C 176 -28.72 -18.80 -6.69
N LEU C 177 -27.66 -19.32 -6.08
CA LEU C 177 -26.32 -18.80 -6.30
C LEU C 177 -25.51 -19.87 -7.02
N ARG C 178 -24.84 -19.48 -8.11
CA ARG C 178 -24.08 -20.39 -8.97
C ARG C 178 -22.60 -19.99 -8.99
N ASP C 179 -21.76 -20.84 -8.42
CA ASP C 179 -20.34 -20.58 -8.27
C ASP C 179 -19.65 -20.77 -9.61
N ARG C 180 -18.94 -19.72 -10.05
CA ARG C 180 -18.29 -19.72 -11.36
C ARG C 180 -17.12 -20.69 -11.38
N LYS C 181 -16.45 -20.87 -10.25
CA LYS C 181 -15.26 -21.72 -10.21
C LYS C 181 -15.62 -23.20 -10.18
N SER C 182 -16.64 -23.58 -9.39
CA SER C 182 -17.04 -24.98 -9.23
C SER C 182 -18.30 -25.39 -9.98
N LYS C 183 -19.00 -24.48 -10.65
CA LYS C 183 -20.20 -24.79 -11.44
C LYS C 183 -21.41 -25.18 -10.55
N VAL C 184 -21.25 -25.21 -9.22
CA VAL C 184 -22.27 -25.74 -8.31
C VAL C 184 -23.35 -24.68 -8.03
N ARG C 185 -24.60 -25.15 -7.84
CA ARG C 185 -25.70 -24.30 -7.37
C ARG C 185 -25.74 -24.27 -5.85
N TYR C 186 -26.15 -23.12 -5.29
CA TYR C 186 -26.50 -23.00 -3.88
C TYR C 186 -27.77 -22.17 -3.73
N SER C 187 -28.36 -22.26 -2.53
CA SER C 187 -29.36 -21.30 -2.10
C SER C 187 -28.70 -20.32 -1.13
N VAL C 188 -29.48 -19.35 -0.65
CA VAL C 188 -29.02 -18.55 0.49
C VAL C 188 -28.64 -19.46 1.64
N ASP C 189 -29.46 -20.50 1.89
CA ASP C 189 -29.24 -21.32 3.08
C ASP C 189 -28.01 -22.22 2.93
N THR C 190 -27.87 -22.89 1.79
CA THR C 190 -26.74 -23.82 1.71
C THR C 190 -25.43 -23.07 1.62
N VAL C 191 -25.42 -21.86 1.08
CA VAL C 191 -24.16 -21.15 0.96
C VAL C 191 -23.75 -20.57 2.31
N VAL C 192 -24.71 -20.13 3.13
CA VAL C 192 -24.31 -19.73 4.47
C VAL C 192 -23.78 -20.94 5.21
N SER C 193 -24.26 -22.14 4.88
CA SER C 193 -23.67 -23.35 5.45
C SER C 193 -22.30 -23.61 4.87
N GLU C 194 -22.09 -23.27 3.61
CA GLU C 194 -20.78 -23.51 3.02
C GLU C 194 -19.76 -22.46 3.45
N LEU C 195 -20.22 -21.25 3.74
CA LEU C 195 -19.31 -20.26 4.28
C LEU C 195 -18.94 -20.61 5.72
N ILE C 196 -19.90 -21.14 6.48
CA ILE C 196 -19.61 -21.52 7.87
C ILE C 196 -18.70 -22.74 7.92
N ARG C 197 -18.96 -23.74 7.08
CA ARG C 197 -18.07 -24.89 7.06
C ARG C 197 -16.63 -24.47 6.82
N GLU C 198 -16.40 -23.70 5.74
CA GLU C 198 -15.04 -23.35 5.37
C GLU C 198 -14.34 -22.58 6.48
N TYR C 199 -15.03 -21.64 7.12
CA TYR C 199 -14.36 -20.95 8.21
C TYR C 199 -14.02 -21.93 9.32
N SER C 200 -14.98 -22.78 9.68
CA SER C 200 -14.75 -23.76 10.74
C SER C 200 -13.54 -24.66 10.43
N ASN C 201 -13.39 -25.04 9.16
CA ASN C 201 -12.13 -25.64 8.72
C ASN C 201 -10.94 -24.76 9.10
N ARG C 202 -10.99 -23.49 8.72
CA ARG C 202 -9.85 -22.61 8.90
C ARG C 202 -9.52 -22.41 10.37
N SER C 203 -10.51 -22.04 11.17
CA SER C 203 -10.27 -21.86 12.60
C SER C 203 -9.75 -23.14 13.25
N ALA C 204 -10.32 -24.29 12.87
CA ALA C 204 -9.86 -25.56 13.44
C ALA C 204 -8.35 -25.73 13.31
N ILE C 205 -7.82 -25.53 12.09
CA ILE C 205 -6.38 -25.54 11.86
C ILE C 205 -5.69 -24.47 12.69
N GLY C 206 -5.99 -23.20 12.41
CA GLY C 206 -5.27 -22.11 13.05
C GLY C 206 -5.26 -22.20 14.56
N ASN C 207 -6.45 -22.39 15.15
CA ASN C 207 -6.54 -22.55 16.60
C ASN C 207 -5.66 -23.69 17.08
N THR C 208 -5.59 -24.78 16.30
CA THR C 208 -4.71 -25.88 16.67
C THR C 208 -3.25 -25.44 16.65
N ILE C 209 -2.84 -24.71 15.60
CA ILE C 209 -1.42 -24.35 15.47
C ILE C 209 -1.07 -23.13 16.35
N GLU C 210 -1.94 -22.13 16.44
CA GLU C 210 -1.76 -21.10 17.47
C GLU C 210 -1.58 -21.70 18.86
N ALA C 211 -2.24 -22.82 19.14
CA ALA C 211 -2.19 -23.41 20.48
C ALA C 211 -0.76 -23.77 20.88
N LEU C 212 0.03 -24.28 19.94
CA LEU C 212 1.38 -24.74 20.28
C LEU C 212 2.36 -23.63 20.57
N PHE C 213 2.09 -22.38 20.17
CA PHE C 213 3.02 -21.29 20.43
C PHE C 213 2.63 -20.33 21.55
N GLN C 214 1.52 -20.57 22.24
CA GLN C 214 1.17 -19.75 23.39
C GLN C 214 2.01 -20.19 24.58
N LYS D 2 -13.97 22.75 -39.86
CA LYS D 2 -12.84 22.15 -40.55
C LYS D 2 -11.96 21.37 -39.57
N HIS D 3 -12.55 20.85 -38.49
CA HIS D 3 -11.74 20.56 -37.32
C HIS D 3 -11.79 19.14 -36.75
N ARG D 4 -11.14 18.99 -35.60
CA ARG D 4 -10.54 17.74 -35.16
C ARG D 4 -10.76 17.63 -33.65
N ILE D 5 -10.56 16.44 -33.10
CA ILE D 5 -10.77 16.24 -31.68
C ILE D 5 -9.50 16.60 -30.91
N GLU D 6 -9.67 17.26 -29.76
CA GLU D 6 -8.51 17.60 -28.94
C GLU D 6 -7.72 16.35 -28.60
N PRO D 7 -6.44 16.28 -28.95
CA PRO D 7 -5.59 15.17 -28.51
C PRO D 7 -5.53 15.09 -26.99
N VAL D 8 -5.42 13.84 -26.47
CA VAL D 8 -5.32 13.68 -25.02
C VAL D 8 -3.84 13.79 -24.66
N CYS D 9 -3.58 14.42 -23.53
CA CYS D 9 -2.24 14.86 -23.16
C CYS D 9 -1.84 14.35 -21.77
N LEU D 10 -0.65 13.78 -21.69
CA LEU D 10 0.01 13.45 -20.43
C LEU D 10 1.28 14.28 -20.29
N ILE D 11 1.44 14.95 -19.16
CA ILE D 11 2.70 15.55 -18.76
C ILE D 11 3.27 14.74 -17.60
N ILE D 12 4.55 14.42 -17.68
CA ILE D 12 5.27 13.73 -16.62
C ILE D 12 6.21 14.73 -15.97
N ARG D 13 6.03 14.96 -14.68
CA ARG D 13 6.81 15.92 -13.92
C ARG D 13 7.80 15.20 -13.01
N GLY D 14 9.02 15.72 -12.93
CA GLY D 14 9.99 15.16 -12.00
C GLY D 14 11.31 15.89 -12.07
N SER D 15 12.15 15.63 -11.06
CA SER D 15 13.52 16.09 -11.07
C SER D 15 14.31 15.30 -12.10
N PRO D 16 15.48 15.80 -12.54
CA PRO D 16 16.24 15.05 -13.55
C PRO D 16 16.70 13.69 -13.05
N GLY D 17 17.31 12.90 -13.93
CA GLY D 17 17.81 11.58 -13.59
C GLY D 17 16.76 10.51 -13.34
N THR D 18 15.47 10.85 -13.32
CA THR D 18 14.41 9.97 -12.83
C THR D 18 13.72 9.15 -13.92
N GLY D 19 14.17 9.22 -15.16
CA GLY D 19 13.61 8.38 -16.20
C GLY D 19 12.36 8.91 -16.87
N LYS D 20 12.04 10.21 -16.69
CA LYS D 20 10.86 10.74 -17.35
C LYS D 20 10.98 10.62 -18.87
N SER D 21 12.19 10.57 -19.40
CA SER D 21 12.38 10.42 -20.84
C SER D 21 12.12 8.99 -21.31
N LEU D 22 12.71 8.01 -20.61
CA LEU D 22 12.31 6.63 -20.87
C LEU D 22 10.80 6.49 -20.78
N ALA D 23 10.20 7.06 -19.72
CA ALA D 23 8.76 7.01 -19.56
C ALA D 23 8.04 7.52 -20.81
N THR D 24 8.35 8.74 -21.23
CA THR D 24 7.69 9.28 -22.42
C THR D 24 8.08 8.51 -23.67
N GLY D 25 9.31 8.00 -23.73
CA GLY D 25 9.66 7.18 -24.88
C GLY D 25 8.81 5.93 -24.97
N ILE D 26 8.64 5.24 -23.84
CA ILE D 26 7.91 3.98 -23.82
C ILE D 26 6.41 4.23 -23.98
N ILE D 27 5.88 5.14 -23.17
CA ILE D 27 4.45 5.45 -23.25
C ILE D 27 4.06 5.81 -24.68
N ALA D 28 4.82 6.74 -25.27
CA ALA D 28 4.53 7.16 -26.64
C ALA D 28 4.63 6.01 -27.62
N ARG D 29 5.61 5.13 -27.44
CA ARG D 29 5.79 4.12 -28.48
C ARG D 29 4.82 2.97 -28.33
N ALA D 30 4.43 2.64 -27.09
CA ALA D 30 3.31 1.73 -26.89
C ALA D 30 2.14 2.22 -27.71
N ILE D 31 1.63 3.39 -27.33
CA ILE D 31 0.44 3.96 -27.95
C ILE D 31 0.56 3.96 -29.46
N ALA D 32 1.70 4.43 -29.96
CA ALA D 32 1.94 4.44 -31.39
C ALA D 32 1.78 3.06 -31.99
N ASP D 33 2.32 2.03 -31.35
CA ASP D 33 2.22 0.69 -31.91
C ASP D 33 0.76 0.23 -31.96
N LYS D 34 -0.03 0.52 -30.93
CA LYS D 34 -1.43 0.13 -30.94
C LYS D 34 -2.19 0.76 -32.10
N TYR D 35 -1.80 1.95 -32.54
CA TYR D 35 -2.42 2.62 -33.68
C TYR D 35 -1.69 2.44 -35.01
N HIS D 36 -0.67 1.58 -35.07
CA HIS D 36 0.05 1.31 -36.31
C HIS D 36 0.68 2.58 -36.87
N SER D 37 1.60 3.13 -36.08
CA SER D 37 2.15 4.44 -36.34
C SER D 37 3.48 4.57 -35.61
N SER D 38 4.26 5.56 -36.02
CA SER D 38 5.51 5.86 -35.34
C SER D 38 5.30 7.04 -34.39
N VAL D 39 6.38 7.51 -33.78
CA VAL D 39 6.34 8.58 -32.79
C VAL D 39 7.18 9.72 -33.32
N TYR D 40 6.55 10.86 -33.60
CA TYR D 40 7.33 12.05 -33.85
C TYR D 40 7.82 12.60 -32.52
N SER D 41 9.10 12.94 -32.44
CA SER D 41 9.70 13.44 -31.21
C SER D 41 10.26 14.84 -31.48
N LEU D 42 10.04 15.74 -30.55
CA LEU D 42 10.16 17.16 -30.85
C LEU D 42 11.31 17.76 -30.07
N PRO D 43 12.42 18.13 -30.72
CA PRO D 43 13.63 18.45 -29.98
C PRO D 43 13.39 19.60 -29.01
N PRO D 44 14.18 19.69 -27.93
CA PRO D 44 13.95 20.74 -26.94
C PRO D 44 13.99 22.11 -27.59
N ASP D 45 13.20 23.03 -27.03
CA ASP D 45 13.05 24.38 -27.56
C ASP D 45 12.73 24.34 -29.06
N PRO D 46 11.61 23.74 -29.44
CA PRO D 46 11.34 23.52 -30.86
C PRO D 46 10.97 24.82 -31.56
N ASP D 47 11.27 24.83 -32.85
CA ASP D 47 11.04 25.93 -33.75
C ASP D 47 10.28 25.35 -34.92
N HIS D 48 10.88 24.35 -35.53
CA HIS D 48 10.46 23.72 -36.75
C HIS D 48 10.07 22.28 -36.48
N PHE D 49 8.96 21.84 -37.08
CA PHE D 49 8.44 20.49 -36.94
C PHE D 49 8.98 19.51 -37.96
N ASP D 50 10.16 19.77 -38.53
CA ASP D 50 10.69 18.91 -39.58
C ASP D 50 10.54 17.43 -39.23
N GLY D 51 9.97 16.67 -40.17
CA GLY D 51 9.75 15.25 -40.04
C GLY D 51 8.31 14.79 -39.87
N TYR D 52 7.36 15.69 -39.67
CA TYR D 52 6.02 15.29 -39.23
C TYR D 52 5.23 14.76 -40.43
N LYS D 53 4.93 13.46 -40.41
CA LYS D 53 4.07 12.78 -41.37
C LYS D 53 2.65 12.56 -40.84
N GLN D 54 2.26 13.26 -39.77
CA GLN D 54 1.03 12.95 -39.02
C GLN D 54 1.17 11.67 -38.21
N GLN D 55 2.31 11.49 -37.56
CA GLN D 55 2.46 10.46 -36.54
C GLN D 55 1.37 10.62 -35.48
N VAL D 56 0.97 9.48 -34.90
CA VAL D 56 -0.22 9.49 -34.05
C VAL D 56 0.05 10.09 -32.68
N VAL D 57 1.28 10.05 -32.22
CA VAL D 57 1.68 10.71 -30.99
C VAL D 57 2.94 11.51 -31.28
N THR D 58 2.99 12.74 -30.80
CA THR D 58 4.25 13.44 -30.71
C THR D 58 4.61 13.54 -29.24
N VAL D 59 5.85 13.20 -28.94
CA VAL D 59 6.44 13.45 -27.63
C VAL D 59 7.26 14.73 -27.73
N MET D 60 7.07 15.60 -26.75
CA MET D 60 7.76 16.87 -26.67
C MET D 60 8.39 16.92 -25.29
N ASP D 61 9.69 16.75 -25.22
CA ASP D 61 10.34 16.27 -24.02
C ASP D 61 11.15 17.41 -23.42
N ASP D 62 11.02 17.59 -22.10
CA ASP D 62 11.64 18.69 -21.36
C ASP D 62 11.01 20.04 -21.72
N LEU D 63 9.69 20.03 -21.91
CA LEU D 63 8.91 21.26 -22.17
C LEU D 63 9.12 22.28 -21.06
N CYS D 64 9.04 23.56 -21.44
CA CYS D 64 9.30 24.70 -20.57
C CYS D 64 10.69 24.61 -19.92
N GLN D 65 11.70 24.79 -20.76
CA GLN D 65 13.00 25.22 -20.27
C GLN D 65 12.98 26.71 -19.95
N ASN D 66 14.13 27.22 -19.54
CA ASN D 66 14.26 28.60 -19.07
C ASN D 66 14.13 29.60 -20.22
N ASP D 68 11.44 30.76 -22.38
CA ASP D 68 10.98 32.06 -22.82
C ASP D 68 9.48 32.11 -23.14
N GLY D 69 8.80 30.99 -23.02
CA GLY D 69 7.38 30.95 -23.28
C GLY D 69 6.98 30.62 -24.70
N LYS D 70 7.94 30.33 -25.58
CA LYS D 70 7.59 29.82 -26.90
C LYS D 70 6.97 28.45 -26.80
N ASP D 71 7.39 27.64 -25.82
CA ASP D 71 6.93 26.27 -25.68
C ASP D 71 5.40 26.16 -25.69
N MET D 72 4.75 26.60 -24.62
CA MET D 72 3.32 26.32 -24.54
C MET D 72 2.49 27.15 -25.51
N SER D 73 3.09 28.11 -26.20
CA SER D 73 2.40 28.74 -27.33
C SER D 73 2.25 27.75 -28.49
N LEU D 74 3.29 26.97 -28.76
CA LEU D 74 3.15 25.85 -29.70
C LEU D 74 2.22 24.79 -29.13
N PHE D 75 2.44 24.41 -27.87
CA PHE D 75 1.73 23.30 -27.28
C PHE D 75 0.24 23.56 -27.21
N CYS D 76 -0.15 24.82 -26.95
CA CYS D 76 -1.58 25.10 -26.90
C CYS D 76 -2.21 25.00 -28.29
N GLN D 77 -1.43 25.11 -29.35
CA GLN D 77 -1.92 24.86 -30.70
C GLN D 77 -1.97 23.37 -31.01
N MET D 78 -0.97 22.63 -30.54
CA MET D 78 -0.98 21.18 -30.65
C MET D 78 -2.23 20.56 -30.04
N VAL D 79 -2.59 20.99 -28.82
CA VAL D 79 -3.75 20.44 -28.14
C VAL D 79 -4.89 21.45 -28.24
N SER D 80 -5.85 21.15 -29.11
CA SER D 80 -7.03 21.98 -29.39
C SER D 80 -7.85 21.29 -30.47
N THR D 81 -9.07 21.75 -30.62
CA THR D 81 -9.86 21.38 -31.79
C THR D 81 -9.52 22.21 -33.01
N VAL D 82 -8.83 23.34 -32.82
CA VAL D 82 -8.68 24.35 -33.85
C VAL D 82 -7.41 24.10 -34.67
N ASP D 83 -7.57 24.11 -35.99
CA ASP D 83 -6.61 23.51 -36.92
C ASP D 83 -5.27 24.21 -36.86
N PHE D 84 -4.21 23.44 -36.61
CA PHE D 84 -2.86 23.97 -36.46
C PHE D 84 -1.96 23.43 -37.55
N ILE D 85 -1.30 24.35 -38.25
CA ILE D 85 -0.29 24.09 -39.28
C ILE D 85 1.06 24.50 -38.69
N PRO D 86 1.94 23.56 -38.37
CA PRO D 86 3.15 23.90 -37.61
C PRO D 86 4.24 24.47 -38.51
N PRO D 87 5.15 25.25 -37.93
CA PRO D 87 6.34 25.67 -38.66
C PRO D 87 7.11 24.50 -39.24
N MET D 88 7.51 24.62 -40.50
CA MET D 88 8.49 23.73 -41.08
C MET D 88 9.73 24.52 -41.48
N ALA D 89 10.88 23.85 -41.45
CA ALA D 89 12.09 24.51 -41.92
C ALA D 89 12.18 24.46 -43.44
N SER D 90 11.73 23.38 -44.05
CA SER D 90 11.88 23.18 -45.49
C SER D 90 10.52 23.33 -46.17
N LEU D 91 10.47 24.22 -47.17
CA LEU D 91 9.23 24.50 -47.87
C LEU D 91 8.61 23.28 -48.51
N ALA D 92 9.42 22.25 -48.80
CA ALA D 92 8.87 21.04 -49.40
C ALA D 92 8.01 20.24 -48.42
N GLU D 93 8.16 20.43 -47.10
CA GLU D 93 7.28 19.84 -46.09
C GLU D 93 6.22 20.80 -45.56
N ALA D 94 6.16 22.04 -46.06
CA ALA D 94 5.32 23.05 -45.43
C ALA D 94 3.84 22.77 -45.61
N GLY D 95 3.04 23.20 -44.65
CA GLY D 95 1.60 23.18 -44.78
C GLY D 95 0.87 21.90 -44.41
N VAL D 96 1.50 20.99 -43.66
CA VAL D 96 0.80 19.82 -43.18
C VAL D 96 0.08 20.17 -41.89
N SER D 97 -1.12 19.62 -41.72
CA SER D 97 -1.93 19.84 -40.51
C SER D 97 -1.48 18.92 -39.37
N PHE D 98 -1.71 19.38 -38.14
CA PHE D 98 -1.23 18.65 -36.97
C PHE D 98 -2.38 17.82 -36.42
N THR D 99 -2.35 16.53 -36.74
CA THR D 99 -3.44 15.62 -36.47
C THR D 99 -3.15 14.62 -35.35
N SER D 100 -2.02 14.74 -34.65
CA SER D 100 -1.68 13.73 -33.64
C SER D 100 -2.73 13.62 -32.56
N LYS D 101 -3.09 12.36 -32.22
CA LYS D 101 -4.12 12.07 -31.24
C LYS D 101 -3.59 12.19 -29.81
N PHE D 102 -2.32 11.89 -29.58
CA PHE D 102 -1.74 12.06 -28.25
C PHE D 102 -0.57 13.02 -28.30
N VAL D 103 -0.39 13.73 -27.19
CA VAL D 103 0.75 14.61 -27.00
C VAL D 103 1.33 14.29 -25.64
N ILE D 104 2.55 13.73 -25.62
CA ILE D 104 3.18 13.27 -24.40
C ILE D 104 4.43 14.11 -24.15
N ALA D 105 4.54 14.65 -22.94
CA ALA D 105 5.58 15.62 -22.65
C ALA D 105 6.13 15.40 -21.26
N SER D 106 7.34 15.91 -21.03
CA SER D 106 7.93 15.94 -19.70
C SER D 106 8.43 17.34 -19.41
N THR D 107 8.32 17.75 -18.15
CA THR D 107 8.76 19.05 -17.66
C THR D 107 9.59 18.78 -16.41
N ASN D 108 9.94 19.81 -15.64
CA ASN D 108 10.63 19.59 -14.37
C ASN D 108 9.68 19.73 -13.18
N ALA D 109 10.25 19.62 -11.98
CA ALA D 109 9.55 19.10 -10.82
C ALA D 109 8.50 20.03 -10.22
N THR D 110 8.94 21.10 -9.55
CA THR D 110 8.01 21.97 -8.82
C THR D 110 7.59 23.20 -9.62
N ASN D 111 8.15 23.40 -10.81
CA ASN D 111 7.95 24.65 -11.51
C ASN D 111 6.49 24.83 -11.92
N ILE D 112 6.03 26.08 -11.83
CA ILE D 112 4.70 26.45 -12.34
C ILE D 112 4.94 26.97 -13.75
N ILE D 113 4.50 26.20 -14.75
CA ILE D 113 4.87 26.50 -16.14
C ILE D 113 3.99 27.57 -16.77
N VAL D 114 2.83 27.86 -16.19
CA VAL D 114 1.69 28.50 -16.84
C VAL D 114 1.74 30.03 -16.82
N PRO D 115 1.58 30.70 -17.99
CA PRO D 115 1.30 32.14 -18.09
C PRO D 115 -0.16 32.45 -17.83
N ARG D 124 -3.22 24.83 -18.65
CA ARG D 124 -3.03 23.55 -17.96
C ARG D 124 -4.19 22.57 -18.13
N ARG D 125 -5.40 23.09 -18.34
CA ARG D 125 -6.55 22.22 -18.59
C ARG D 125 -6.26 21.24 -19.72
N ARG D 126 -5.48 21.68 -20.71
CA ARG D 126 -5.05 20.85 -21.82
C ARG D 126 -4.38 19.55 -21.38
N PHE D 127 -3.88 19.50 -20.16
CA PHE D 127 -3.18 18.31 -19.67
C PHE D 127 -4.23 17.40 -19.09
N TYR D 128 -4.55 16.33 -19.82
CA TYR D 128 -5.62 15.44 -19.39
C TYR D 128 -5.22 14.69 -18.13
N MET D 129 -3.96 14.35 -18.04
CA MET D 129 -3.35 13.78 -16.86
C MET D 129 -2.10 14.58 -16.56
N ASP D 130 -1.83 14.82 -15.29
CA ASP D 130 -0.64 15.54 -14.85
C ASP D 130 -0.02 14.74 -13.72
N CYS D 131 1.15 14.15 -13.96
CA CYS D 131 1.67 13.07 -13.12
C CYS D 131 3.11 13.32 -12.70
N ASP D 132 3.46 12.78 -11.53
CA ASP D 132 4.79 12.91 -10.95
C ASP D 132 5.50 11.56 -11.01
N ILE D 133 6.59 11.51 -11.80
CA ILE D 133 7.43 10.32 -11.78
C ILE D 133 7.82 10.01 -10.33
N GLU D 134 7.88 8.73 -10.02
CA GLU D 134 8.40 8.26 -8.74
C GLU D 134 9.26 7.05 -9.01
N VAL D 135 10.41 7.00 -8.36
CA VAL D 135 11.22 5.81 -8.37
C VAL D 135 10.97 5.07 -7.07
N THR D 136 10.47 3.86 -7.17
CA THR D 136 10.42 3.02 -5.99
C THR D 136 11.85 2.61 -5.62
N ASP D 137 12.03 2.28 -4.35
CA ASP D 137 13.34 2.39 -3.72
C ASP D 137 14.28 1.24 -4.04
N SER D 138 13.73 0.05 -4.31
CA SER D 138 14.57 -1.03 -4.81
C SER D 138 15.41 -0.56 -6.00
N TYR D 139 14.80 0.26 -6.87
CA TYR D 139 15.50 0.82 -8.02
C TYR D 139 16.07 2.21 -7.79
N LYS D 140 15.78 2.86 -6.65
CA LYS D 140 16.54 4.04 -6.27
C LYS D 140 18.00 3.66 -6.10
N THR D 141 18.89 4.56 -6.49
CA THR D 141 20.31 4.39 -6.20
C THR D 141 20.86 5.68 -5.60
N ASP D 142 22.19 5.73 -5.45
CA ASP D 142 22.88 6.88 -4.86
C ASP D 142 22.55 8.24 -5.52
N GLY D 144 19.28 9.73 -5.27
CA GLY D 144 17.96 9.15 -5.21
C GLY D 144 17.31 9.14 -6.57
N ARG D 145 17.90 8.38 -7.50
CA ARG D 145 17.55 8.47 -8.91
C ARG D 145 17.73 7.11 -9.57
N LEU D 146 17.09 6.93 -10.72
CA LEU D 146 16.94 5.60 -11.28
C LEU D 146 18.23 5.06 -11.85
N ASP D 147 18.45 3.76 -11.66
CA ASP D 147 19.52 3.03 -12.32
C ASP D 147 18.95 2.37 -13.57
N ALA D 148 19.35 2.88 -14.74
CA ALA D 148 18.78 2.38 -15.99
C ALA D 148 19.11 0.91 -16.19
N GLY D 149 20.28 0.48 -15.75
CA GLY D 149 20.72 -0.88 -16.03
C GLY D 149 19.80 -1.93 -15.44
N ARG D 150 19.54 -1.81 -14.13
CA ARG D 150 18.70 -2.82 -13.48
C ARG D 150 17.23 -2.65 -13.86
N ALA D 151 16.74 -1.41 -13.82
CA ALA D 151 15.35 -1.14 -14.17
C ALA D 151 15.00 -1.59 -15.59
N ALA D 152 15.99 -1.69 -16.46
CA ALA D 152 15.72 -2.10 -17.84
C ALA D 152 15.60 -3.60 -18.02
N LYS D 153 16.14 -4.40 -17.10
CA LYS D 153 16.31 -5.83 -17.35
C LYS D 153 14.97 -6.55 -17.22
N LEU D 154 14.71 -7.45 -18.17
CA LEU D 154 13.34 -7.78 -18.53
C LEU D 154 12.70 -8.78 -17.57
N CYS D 155 11.46 -8.48 -17.18
CA CYS D 155 10.66 -9.35 -16.33
C CYS D 155 10.41 -10.70 -16.99
N SER D 156 10.25 -11.72 -16.15
CA SER D 156 9.94 -13.05 -16.65
C SER D 156 8.46 -13.21 -16.95
N GLU D 157 7.60 -12.69 -16.07
CA GLU D 157 6.16 -12.58 -16.31
C GLU D 157 5.87 -11.51 -17.37
N ASN D 158 4.74 -11.65 -18.06
CA ASN D 158 4.15 -10.51 -18.75
C ASN D 158 2.64 -10.47 -18.47
N ASN D 159 2.24 -9.60 -17.57
CA ASN D 159 0.85 -9.37 -17.18
C ASN D 159 0.28 -8.11 -17.79
N THR D 160 1.06 -7.45 -18.66
CA THR D 160 0.73 -6.14 -19.17
C THR D 160 -0.38 -6.21 -20.20
N ALA D 161 -1.27 -5.23 -20.15
CA ALA D 161 -2.28 -5.09 -21.20
C ALA D 161 -1.65 -4.74 -22.54
N ASN D 162 -0.56 -3.95 -22.55
CA ASN D 162 -0.09 -3.36 -23.79
C ASN D 162 1.24 -3.86 -24.36
N PHE D 163 2.02 -4.70 -23.69
CA PHE D 163 3.36 -4.97 -24.22
C PHE D 163 3.60 -6.43 -24.58
N LYS D 164 4.46 -6.61 -25.60
CA LYS D 164 4.89 -7.96 -25.96
C LYS D 164 5.73 -8.60 -24.88
N ARG D 165 6.50 -7.81 -24.13
CA ARG D 165 7.28 -8.36 -23.02
C ARG D 165 7.59 -7.25 -22.02
N CYS D 166 7.74 -7.65 -20.76
CA CYS D 166 7.72 -6.71 -19.64
C CYS D 166 9.13 -6.47 -19.10
N SER D 167 9.20 -5.55 -18.13
CA SER D 167 10.41 -4.90 -17.63
C SER D 167 9.96 -3.98 -16.50
N PRO D 168 10.78 -3.75 -15.46
CA PRO D 168 10.33 -2.95 -14.33
C PRO D 168 9.99 -1.51 -14.67
N LEU D 169 10.43 -1.02 -15.84
CA LEU D 169 10.00 0.31 -16.26
C LEU D 169 8.52 0.30 -16.62
N VAL D 170 8.15 -0.64 -17.48
CA VAL D 170 6.74 -0.89 -17.81
C VAL D 170 5.94 -1.20 -16.56
N CYS D 171 6.52 -2.04 -15.70
CA CYS D 171 5.74 -2.90 -14.83
C CYS D 171 5.11 -2.12 -13.68
N GLY D 172 5.78 -1.08 -13.19
CA GLY D 172 5.49 -0.46 -11.90
C GLY D 172 6.54 -0.75 -10.86
N LYS D 173 7.38 -1.74 -11.10
CA LYS D 173 8.48 -2.02 -10.19
C LYS D 173 9.39 -0.81 -10.04
N ALA D 174 10.03 -0.39 -11.14
CA ALA D 174 11.03 0.67 -11.08
C ALA D 174 10.42 2.07 -10.99
N ILE D 175 9.52 2.41 -11.90
CA ILE D 175 8.95 3.76 -11.96
C ILE D 175 7.43 3.67 -12.03
N GLN D 176 6.77 4.62 -11.37
CA GLN D 176 5.33 4.73 -11.35
C GLN D 176 4.99 6.20 -11.47
N LEU D 177 3.79 6.48 -11.97
CA LEU D 177 3.33 7.85 -12.15
C LEU D 177 2.13 8.09 -11.23
N ARG D 178 2.07 9.29 -10.64
CA ARG D 178 0.98 9.65 -9.75
C ARG D 178 0.30 10.91 -10.26
N ASP D 179 -0.94 10.77 -10.72
CA ASP D 179 -1.73 11.91 -11.14
C ASP D 179 -1.90 12.85 -9.96
N ARG D 180 -1.52 14.11 -10.14
CA ARG D 180 -1.66 15.06 -9.04
C ARG D 180 -3.12 15.36 -8.76
N LYS D 181 -3.95 15.39 -9.80
CA LYS D 181 -5.35 15.76 -9.69
C LYS D 181 -6.20 14.63 -9.13
N SER D 182 -5.95 13.39 -9.55
CA SER D 182 -6.69 12.25 -9.05
C SER D 182 -5.99 11.47 -7.92
N LYS D 183 -4.69 11.71 -7.70
CA LYS D 183 -3.88 10.99 -6.70
C LYS D 183 -3.69 9.50 -7.05
N VAL D 184 -4.43 8.99 -8.04
CA VAL D 184 -4.26 7.59 -8.44
C VAL D 184 -2.83 7.41 -8.92
N ARG D 185 -2.32 6.18 -8.81
CA ARG D 185 -0.96 5.90 -9.24
C ARG D 185 -1.00 4.81 -10.31
N TYR D 186 -0.18 4.97 -11.36
CA TYR D 186 -0.16 4.12 -12.54
C TYR D 186 1.23 3.57 -12.79
N SER D 187 1.29 2.54 -13.63
CA SER D 187 2.54 2.12 -14.24
C SER D 187 2.66 2.75 -15.61
N VAL D 188 3.77 2.45 -16.30
CA VAL D 188 3.83 2.78 -17.72
C VAL D 188 2.74 2.02 -18.47
N ASP D 189 2.43 0.79 -18.06
CA ASP D 189 1.44 0.01 -18.78
C ASP D 189 0.01 0.51 -18.52
N THR D 190 -0.31 0.83 -17.27
CA THR D 190 -1.68 1.22 -16.99
C THR D 190 -1.97 2.61 -17.48
N VAL D 191 -0.96 3.48 -17.55
CA VAL D 191 -1.21 4.84 -18.03
C VAL D 191 -1.43 4.84 -19.53
N VAL D 192 -0.73 3.97 -20.27
CA VAL D 192 -0.97 3.97 -21.71
C VAL D 192 -2.37 3.44 -21.97
N SER D 193 -2.86 2.55 -21.09
CA SER D 193 -4.22 2.06 -21.23
C SER D 193 -5.22 3.14 -20.87
N GLU D 194 -4.88 3.97 -19.88
CA GLU D 194 -5.74 5.09 -19.52
C GLU D 194 -5.77 6.12 -20.64
N LEU D 195 -4.63 6.33 -21.29
CA LEU D 195 -4.62 7.29 -22.38
C LEU D 195 -5.34 6.72 -23.60
N ILE D 196 -5.25 5.40 -23.84
CA ILE D 196 -6.00 4.82 -24.95
C ILE D 196 -7.50 4.82 -24.64
N ARG D 197 -7.88 4.55 -23.40
CA ARG D 197 -9.29 4.62 -23.05
C ARG D 197 -9.85 5.99 -23.40
N GLU D 198 -9.33 7.02 -22.73
CA GLU D 198 -9.88 8.38 -22.85
C GLU D 198 -10.00 8.82 -24.29
N TYR D 199 -9.04 8.47 -25.14
CA TYR D 199 -9.17 8.88 -26.54
C TYR D 199 -10.34 8.18 -27.20
N SER D 200 -10.47 6.87 -26.98
CA SER D 200 -11.59 6.13 -27.55
C SER D 200 -12.93 6.74 -27.13
N ASN D 201 -13.05 7.08 -25.84
CA ASN D 201 -14.18 7.87 -25.38
C ASN D 201 -14.40 9.06 -26.29
N ARG D 202 -13.41 9.96 -26.35
CA ARG D 202 -13.45 11.13 -27.22
C ARG D 202 -13.68 10.73 -28.67
N SER D 203 -12.92 9.74 -29.16
CA SER D 203 -13.09 9.30 -30.54
C SER D 203 -14.51 8.82 -30.79
N ALA D 204 -15.09 8.08 -29.86
CA ALA D 204 -16.45 7.57 -30.04
C ALA D 204 -17.45 8.71 -30.18
N ILE D 205 -17.43 9.66 -29.23
CA ILE D 205 -18.39 10.75 -29.23
C ILE D 205 -18.33 11.54 -30.53
N GLY D 206 -17.13 11.98 -30.90
CA GLY D 206 -16.99 12.85 -32.05
C GLY D 206 -17.45 12.20 -33.34
N ASN D 207 -17.07 10.94 -33.54
CA ASN D 207 -17.35 10.30 -34.82
C ASN D 207 -18.84 10.15 -35.06
N THR D 208 -19.62 9.88 -34.01
CA THR D 208 -21.07 9.82 -34.20
C THR D 208 -21.60 11.21 -34.56
N ILE D 209 -21.03 12.26 -33.96
CA ILE D 209 -21.44 13.61 -34.31
C ILE D 209 -21.04 13.94 -35.75
N GLU D 210 -19.81 13.61 -36.14
CA GLU D 210 -19.39 13.91 -37.50
C GLU D 210 -20.12 13.02 -38.51
N ALA D 211 -20.53 11.82 -38.09
CA ALA D 211 -21.39 11.01 -38.95
C ALA D 211 -22.68 11.75 -39.30
N LEU D 212 -23.22 12.49 -38.34
CA LEU D 212 -24.51 13.15 -38.55
C LEU D 212 -24.41 14.31 -39.52
N PHE D 213 -23.30 15.05 -39.50
CA PHE D 213 -23.16 16.17 -40.42
C PHE D 213 -22.30 15.91 -41.64
N GLN D 214 -21.65 14.77 -41.75
CA GLN D 214 -20.88 14.44 -42.95
C GLN D 214 -21.78 14.02 -44.09
N LYS E 2 -42.16 -7.37 18.24
CA LYS E 2 -42.94 -6.20 18.61
C LYS E 2 -42.43 -4.86 18.08
N HIS E 3 -41.31 -4.84 17.34
CA HIS E 3 -40.61 -3.58 17.12
C HIS E 3 -40.96 -2.98 15.75
N ARG E 4 -40.37 -1.80 15.48
CA ARG E 4 -40.79 -0.91 14.41
C ARG E 4 -39.58 -0.52 13.56
N ILE E 5 -39.83 0.32 12.56
CA ILE E 5 -38.77 0.80 11.68
C ILE E 5 -38.22 2.12 12.21
N GLU E 6 -36.89 2.22 12.24
CA GLU E 6 -36.08 3.29 12.81
C GLU E 6 -36.32 4.58 12.01
N PRO E 7 -36.95 5.59 12.61
CA PRO E 7 -37.42 6.75 11.83
C PRO E 7 -36.26 7.48 11.16
N VAL E 8 -36.47 7.92 9.93
CA VAL E 8 -35.39 8.64 9.27
C VAL E 8 -35.32 10.04 9.87
N CYS E 9 -34.19 10.35 10.48
CA CYS E 9 -34.04 11.57 11.26
C CYS E 9 -33.25 12.60 10.47
N LEU E 10 -33.66 13.86 10.64
CA LEU E 10 -32.96 15.01 10.11
C LEU E 10 -32.85 16.04 11.22
N ILE E 11 -31.65 16.53 11.48
CA ILE E 11 -31.52 17.67 12.37
C ILE E 11 -30.74 18.75 11.63
N ILE E 12 -31.00 19.99 12.02
CA ILE E 12 -30.45 21.14 11.33
C ILE E 12 -29.56 21.89 12.32
N ARG E 13 -28.40 22.30 11.84
CA ARG E 13 -27.42 23.03 12.64
C ARG E 13 -27.11 24.36 11.98
N GLY E 14 -27.21 25.44 12.74
CA GLY E 14 -26.81 26.73 12.24
C GLY E 14 -26.81 27.75 13.36
N SER E 15 -26.18 28.87 13.08
CA SER E 15 -26.22 30.00 14.01
C SER E 15 -27.68 30.30 14.33
N PRO E 16 -27.99 30.82 15.52
CA PRO E 16 -29.41 31.09 15.83
C PRO E 16 -30.03 31.99 14.80
N GLY E 17 -31.36 32.00 14.72
CA GLY E 17 -32.08 32.92 13.86
C GLY E 17 -31.85 32.79 12.37
N THR E 18 -30.98 31.85 11.96
CA THR E 18 -30.82 31.54 10.54
C THR E 18 -32.07 30.91 9.94
N GLY E 19 -33.06 30.54 10.75
CA GLY E 19 -34.30 29.98 10.27
C GLY E 19 -34.48 28.50 10.49
N LYS E 20 -33.55 27.82 11.16
CA LYS E 20 -33.64 26.37 11.30
C LYS E 20 -34.87 25.92 12.10
N SER E 21 -35.53 26.82 12.83
CA SER E 21 -36.77 26.39 13.47
C SER E 21 -37.94 26.42 12.48
N LEU E 22 -38.03 27.43 11.63
CA LEU E 22 -39.07 27.40 10.61
C LEU E 22 -38.75 26.36 9.55
N ALA E 23 -37.46 26.05 9.36
CA ALA E 23 -37.08 24.96 8.47
C ALA E 23 -37.70 23.65 8.93
N THR E 24 -37.45 23.28 10.20
CA THR E 24 -37.98 22.02 10.72
C THR E 24 -39.50 22.02 10.69
N GLY E 25 -40.12 23.11 11.17
CA GLY E 25 -41.57 23.18 11.17
C GLY E 25 -42.18 22.98 9.80
N ILE E 26 -41.52 23.50 8.77
CA ILE E 26 -42.05 23.37 7.41
C ILE E 26 -41.82 21.98 6.85
N ILE E 27 -40.60 21.46 6.95
CA ILE E 27 -40.35 20.13 6.41
C ILE E 27 -41.00 19.05 7.28
N ALA E 28 -41.28 19.36 8.55
CA ALA E 28 -42.07 18.44 9.35
C ALA E 28 -43.46 18.26 8.78
N ARG E 29 -44.18 19.35 8.54
CA ARG E 29 -45.59 19.16 8.19
C ARG E 29 -45.78 18.77 6.72
N ALA E 30 -44.83 19.13 5.85
CA ALA E 30 -44.88 18.61 4.48
C ALA E 30 -44.97 17.09 4.49
N ILE E 31 -44.05 16.47 5.23
CA ILE E 31 -44.07 15.02 5.38
C ILE E 31 -45.38 14.57 5.98
N ALA E 32 -45.93 15.35 6.91
CA ALA E 32 -47.17 14.97 7.56
C ALA E 32 -48.41 15.20 6.68
N ASP E 33 -48.31 16.03 5.63
CA ASP E 33 -49.42 16.08 4.69
C ASP E 33 -49.37 14.95 3.66
N LYS E 34 -48.18 14.45 3.33
CA LYS E 34 -48.11 13.27 2.48
C LYS E 34 -48.80 12.08 3.13
N TYR E 35 -48.55 11.86 4.41
CA TYR E 35 -49.06 10.73 5.17
C TYR E 35 -50.35 11.00 5.92
N HIS E 36 -50.98 12.16 5.69
CA HIS E 36 -52.34 12.44 6.15
C HIS E 36 -52.41 12.50 7.66
N SER E 37 -51.26 12.72 8.29
CA SER E 37 -51.08 12.81 9.72
C SER E 37 -50.83 14.26 10.12
N SER E 38 -50.52 14.47 11.39
CA SER E 38 -50.10 15.76 11.93
C SER E 38 -48.67 15.64 12.48
N VAL E 39 -48.20 16.71 13.12
CA VAL E 39 -46.85 16.77 13.66
C VAL E 39 -46.93 16.99 15.16
N TYR E 40 -46.06 16.32 15.93
CA TYR E 40 -45.99 16.55 17.37
C TYR E 40 -44.74 17.35 17.68
N SER E 41 -44.92 18.53 18.24
CA SER E 41 -43.82 19.44 18.49
C SER E 41 -43.32 19.23 19.91
N LEU E 42 -42.12 18.67 20.03
CA LEU E 42 -41.51 18.50 21.34
C LEU E 42 -41.02 19.84 21.87
N PRO E 43 -41.39 20.21 23.10
CA PRO E 43 -40.88 21.46 23.65
C PRO E 43 -39.40 21.34 23.97
N PRO E 44 -38.63 22.41 23.85
CA PRO E 44 -37.25 22.40 24.34
C PRO E 44 -37.17 21.98 25.81
N ASP E 45 -36.04 21.33 26.18
CA ASP E 45 -35.84 20.60 27.43
C ASP E 45 -37.07 19.81 27.84
N PRO E 46 -37.65 18.99 26.96
CA PRO E 46 -38.97 18.42 27.22
C PRO E 46 -38.99 17.51 28.45
N ASP E 47 -39.94 17.76 29.34
CA ASP E 47 -40.24 16.78 30.37
C ASP E 47 -41.17 15.69 29.85
N HIS E 48 -42.20 16.05 29.09
CA HIS E 48 -43.16 15.04 28.68
C HIS E 48 -43.69 15.26 27.26
N PHE E 49 -44.29 14.19 26.75
CA PHE E 49 -44.84 14.01 25.41
C PHE E 49 -46.31 14.41 25.30
N ASP E 50 -46.81 15.19 26.26
CA ASP E 50 -48.23 15.46 26.44
C ASP E 50 -48.92 15.75 25.11
N GLY E 51 -49.97 14.99 24.82
CA GLY E 51 -50.77 15.18 23.62
C GLY E 51 -50.26 14.53 22.34
N TYR E 52 -49.33 13.58 22.41
CA TYR E 52 -48.80 12.93 21.21
C TYR E 52 -49.72 11.78 20.81
N LYS E 53 -50.28 11.84 19.60
CA LYS E 53 -51.09 10.73 19.08
C LYS E 53 -50.53 10.29 17.73
N GLN E 54 -49.73 9.22 17.73
CA GLN E 54 -49.30 8.52 16.52
C GLN E 54 -49.01 9.41 15.31
N GLN E 55 -48.42 10.59 15.52
CA GLN E 55 -48.11 11.46 14.39
C GLN E 55 -46.97 10.88 13.57
N VAL E 56 -47.12 10.93 12.24
CA VAL E 56 -46.06 10.42 11.35
C VAL E 56 -44.79 11.25 11.49
N VAL E 57 -44.90 12.48 11.98
CA VAL E 57 -43.75 13.34 12.23
C VAL E 57 -43.79 13.82 13.68
N THR E 58 -42.65 13.80 14.36
CA THR E 58 -42.51 14.45 15.65
C THR E 58 -41.24 15.29 15.63
N VAL E 59 -41.39 16.61 15.75
CA VAL E 59 -40.22 17.47 15.63
C VAL E 59 -39.63 17.63 17.02
N MET E 60 -38.42 18.17 17.09
CA MET E 60 -37.77 18.37 18.37
C MET E 60 -36.97 19.64 18.25
N ASP E 61 -37.40 20.74 18.84
CA ASP E 61 -36.65 21.93 18.47
C ASP E 61 -35.64 22.23 19.57
N ASP E 62 -34.69 23.11 19.25
CA ASP E 62 -33.63 23.49 20.17
C ASP E 62 -33.10 22.26 20.90
N LEU E 63 -32.79 21.23 20.14
CA LEU E 63 -32.30 19.98 20.72
C LEU E 63 -30.95 20.20 21.39
N CYS E 64 -30.76 19.56 22.55
CA CYS E 64 -29.56 19.75 23.37
C CYS E 64 -29.37 21.22 23.73
N GLN E 65 -30.48 21.98 23.75
CA GLN E 65 -30.42 23.43 23.89
C GLN E 65 -29.47 23.83 25.02
N ASN E 66 -29.58 23.12 26.13
CA ASN E 66 -28.76 23.27 27.32
C ASN E 66 -28.62 21.90 27.97
N PRO E 67 -27.62 21.71 28.82
CA PRO E 67 -27.58 20.54 29.70
C PRO E 67 -28.87 20.49 30.54
N ASP E 68 -29.23 19.33 31.10
CA ASP E 68 -28.35 18.19 31.27
C ASP E 68 -28.31 17.28 30.06
N GLY E 69 -28.97 17.72 28.99
CA GLY E 69 -29.01 16.89 27.80
C GLY E 69 -29.87 15.67 27.97
N LYS E 70 -30.88 15.74 28.85
CA LYS E 70 -31.87 14.68 28.93
C LYS E 70 -32.53 14.43 27.58
N ASP E 71 -32.44 15.40 26.66
CA ASP E 71 -32.96 15.21 25.30
C ASP E 71 -32.26 14.05 24.61
N MET E 72 -31.04 13.72 25.01
CA MET E 72 -30.29 12.66 24.33
C MET E 72 -30.72 11.28 24.77
N SER E 73 -31.05 11.09 26.05
CA SER E 73 -31.57 9.80 26.51
C SER E 73 -32.85 9.43 25.76
N LEU E 74 -33.70 10.42 25.53
CA LEU E 74 -35.03 10.20 24.95
C LEU E 74 -34.97 10.10 23.43
N PHE E 75 -34.17 10.97 22.79
CA PHE E 75 -33.98 10.94 21.34
C PHE E 75 -33.48 9.57 20.88
N CYS E 76 -32.42 9.07 21.52
CA CYS E 76 -31.88 7.76 21.16
C CYS E 76 -32.92 6.66 21.36
N GLN E 77 -33.89 6.90 22.22
CA GLN E 77 -35.00 6.02 22.47
C GLN E 77 -36.11 6.20 21.44
N MET E 78 -36.12 7.35 20.77
CA MET E 78 -37.08 7.71 19.72
C MET E 78 -36.67 7.17 18.37
N VAL E 79 -35.49 7.56 17.89
CA VAL E 79 -34.99 7.05 16.62
C VAL E 79 -34.23 5.77 16.98
N SER E 80 -34.86 4.63 16.73
CA SER E 80 -34.40 3.32 17.19
C SER E 80 -35.44 2.26 16.84
N THR E 81 -35.02 0.99 16.81
CA THR E 81 -35.91 -0.12 16.51
C THR E 81 -36.68 -0.61 17.73
N VAL E 82 -36.07 -0.62 18.92
CA VAL E 82 -36.72 -1.18 20.10
C VAL E 82 -37.84 -0.24 20.57
N ASP E 83 -38.83 -0.80 21.26
CA ASP E 83 -40.15 -0.20 21.44
C ASP E 83 -40.21 0.65 22.71
N PHE E 84 -40.94 1.77 22.64
CA PHE E 84 -40.88 2.82 23.66
C PHE E 84 -42.29 3.31 24.04
N ILE E 85 -42.52 3.43 25.35
CA ILE E 85 -43.71 4.07 25.90
C ILE E 85 -43.27 5.29 26.71
N PRO E 86 -43.70 6.49 26.36
CA PRO E 86 -42.96 7.70 26.74
C PRO E 86 -43.35 8.21 28.12
N PRO E 87 -42.65 9.24 28.62
CA PRO E 87 -43.08 9.91 29.85
C PRO E 87 -44.27 10.83 29.63
N MET E 88 -45.22 10.80 30.56
CA MET E 88 -46.48 11.51 30.40
C MET E 88 -46.98 11.95 31.78
N ALA E 89 -47.61 13.13 31.83
CA ALA E 89 -48.04 13.69 33.11
C ALA E 89 -49.32 13.02 33.60
N SER E 90 -50.45 13.31 32.96
CA SER E 90 -51.70 12.69 33.33
C SER E 90 -51.76 11.26 32.81
N LEU E 91 -52.46 10.41 33.54
CA LEU E 91 -52.54 8.98 33.24
C LEU E 91 -53.66 8.63 32.26
N ALA E 92 -54.30 9.63 31.66
CA ALA E 92 -55.28 9.37 30.61
C ALA E 92 -54.63 8.72 29.39
N GLU E 93 -53.63 9.39 28.80
CA GLU E 93 -53.04 8.97 27.54
C GLU E 93 -51.71 8.19 27.69
N ALA E 94 -51.32 7.82 28.91
CA ALA E 94 -50.09 7.06 29.10
C ALA E 94 -50.14 5.72 28.38
N GLY E 95 -48.98 5.30 27.86
CA GLY E 95 -48.79 3.99 27.28
C GLY E 95 -48.68 3.93 25.76
N VAL E 96 -49.03 5.01 25.05
CA VAL E 96 -49.01 4.99 23.59
C VAL E 96 -47.63 4.62 23.08
N SER E 97 -47.57 3.61 22.20
CA SER E 97 -46.30 3.26 21.58
C SER E 97 -45.93 4.34 20.58
N PHE E 98 -44.63 4.57 20.45
CA PHE E 98 -44.12 5.73 19.72
C PHE E 98 -43.99 5.31 18.26
N THR E 99 -44.90 5.81 17.43
CA THR E 99 -45.13 5.32 16.07
C THR E 99 -44.49 6.19 15.00
N SER E 100 -43.91 7.34 15.37
CA SER E 100 -43.54 8.34 14.36
C SER E 100 -42.55 7.79 13.35
N LYS E 101 -42.85 8.05 12.08
CA LYS E 101 -42.05 7.53 10.98
C LYS E 101 -40.81 8.37 10.73
N PHE E 102 -40.87 9.69 10.98
CA PHE E 102 -39.71 10.58 10.89
C PHE E 102 -39.57 11.37 12.18
N VAL E 103 -38.34 11.78 12.49
CA VAL E 103 -38.06 12.63 13.65
C VAL E 103 -37.10 13.74 13.22
N ILE E 104 -37.54 15.00 13.31
CA ILE E 104 -36.76 16.15 12.88
C ILE E 104 -36.40 16.99 14.09
N ALA E 105 -35.16 17.50 14.11
CA ALA E 105 -34.72 18.31 15.24
C ALA E 105 -33.93 19.51 14.75
N SER E 106 -33.49 20.32 15.72
CA SER E 106 -32.69 21.51 15.47
C SER E 106 -31.84 21.77 16.71
N THR E 107 -30.69 22.39 16.51
CA THR E 107 -29.70 22.61 17.56
C THR E 107 -28.88 23.82 17.16
N ASN E 108 -27.78 24.10 17.84
CA ASN E 108 -27.02 25.28 17.42
C ASN E 108 -25.88 24.90 16.48
N ALA E 109 -25.11 25.92 16.08
CA ALA E 109 -24.27 25.81 14.90
C ALA E 109 -23.13 24.82 15.09
N THR E 110 -22.24 25.09 16.04
CA THR E 110 -21.01 24.30 16.18
C THR E 110 -21.02 23.30 17.33
N ASN E 111 -22.05 23.26 18.18
CA ASN E 111 -21.92 22.49 19.41
C ASN E 111 -22.00 21.00 19.14
N ILE E 112 -21.03 20.25 19.67
CA ILE E 112 -20.99 18.80 19.53
C ILE E 112 -21.96 18.20 20.53
N ILE E 113 -22.98 17.51 20.04
CA ILE E 113 -24.12 17.14 20.86
C ILE E 113 -24.08 15.69 21.31
N SER E 118 -19.54 10.38 24.82
CA SER E 118 -19.48 8.99 25.27
C SER E 118 -19.47 8.05 24.08
N ASP E 119 -20.63 7.48 23.76
CA ASP E 119 -20.76 6.60 22.60
C ASP E 119 -21.14 7.50 21.43
N SER E 120 -20.17 7.77 20.57
CA SER E 120 -20.23 8.85 19.59
C SER E 120 -20.57 8.41 18.17
N ASP E 121 -20.85 7.13 17.93
CA ASP E 121 -21.02 6.64 16.56
C ASP E 121 -22.40 6.07 16.30
N ALA E 122 -22.81 5.02 17.01
CA ALA E 122 -24.19 4.55 16.87
C ALA E 122 -25.18 5.65 17.21
N ILE E 123 -24.70 6.74 17.78
CA ILE E 123 -25.53 7.90 18.12
C ILE E 123 -25.80 8.76 16.89
N ARG E 124 -24.86 8.81 15.94
CA ARG E 124 -24.98 9.64 14.75
C ARG E 124 -25.42 8.87 13.51
N ARG E 125 -25.55 7.54 13.58
CA ARG E 125 -26.20 6.78 12.51
C ARG E 125 -27.72 6.82 12.64
N ARG E 126 -28.21 7.47 13.69
CA ARG E 126 -29.63 7.73 13.81
C ARG E 126 -29.98 9.09 13.23
N PHE E 127 -28.98 9.87 12.89
CA PHE E 127 -29.10 10.86 11.83
C PHE E 127 -29.01 10.09 10.54
N TYR E 128 -30.09 10.02 9.78
CA TYR E 128 -29.87 9.73 8.37
C TYR E 128 -29.28 10.94 7.69
N MET E 129 -29.68 12.12 8.13
CA MET E 129 -29.25 13.33 7.48
C MET E 129 -29.06 14.44 8.52
N ASP E 130 -27.91 15.10 8.49
CA ASP E 130 -27.67 16.29 9.30
C ASP E 130 -27.17 17.42 8.44
N CYS E 131 -27.90 18.52 8.47
CA CYS E 131 -27.63 19.64 7.60
C CYS E 131 -27.16 20.86 8.40
N ASP E 132 -26.29 21.62 7.76
CA ASP E 132 -25.99 22.98 8.16
C ASP E 132 -26.91 23.91 7.37
N ILE E 133 -27.84 24.56 8.08
CA ILE E 133 -28.71 25.53 7.44
C ILE E 133 -27.85 26.66 6.89
N GLU E 134 -28.16 27.08 5.66
CA GLU E 134 -27.44 28.19 5.07
C GLU E 134 -28.42 29.16 4.41
N VAL E 135 -28.16 30.45 4.58
CA VAL E 135 -29.05 31.51 4.14
C VAL E 135 -28.38 32.30 3.03
N THR E 136 -29.10 32.49 1.93
CA THR E 136 -28.61 33.26 0.80
C THR E 136 -28.36 34.70 1.22
N ASP E 137 -27.36 35.32 0.59
CA ASP E 137 -27.05 36.72 0.91
C ASP E 137 -28.19 37.65 0.55
N SER E 138 -28.93 37.34 -0.51
CA SER E 138 -30.09 38.16 -0.85
C SER E 138 -31.07 38.20 0.30
N TYR E 139 -31.25 37.08 0.99
CA TYR E 139 -32.12 36.98 2.14
C TYR E 139 -31.38 37.00 3.47
N LYS E 140 -30.05 37.06 3.47
CA LYS E 140 -29.31 37.17 4.72
C LYS E 140 -29.36 38.61 5.21
N THR E 141 -29.62 38.78 6.51
CA THR E 141 -29.89 40.12 7.03
C THR E 141 -28.62 40.75 7.60
N ASP E 142 -28.81 41.90 8.25
CA ASP E 142 -27.69 42.79 8.56
C ASP E 142 -26.68 42.14 9.50
N LEU E 143 -27.16 41.34 10.45
CA LEU E 143 -26.26 40.59 11.33
C LEU E 143 -25.94 39.21 10.78
N GLY E 144 -26.38 38.90 9.57
CA GLY E 144 -26.10 37.59 9.02
C GLY E 144 -27.10 36.51 9.38
N ARG E 145 -28.35 36.85 9.62
CA ARG E 145 -29.38 35.82 9.74
C ARG E 145 -30.51 36.11 8.78
N LEU E 146 -31.60 35.36 8.92
CA LEU E 146 -32.57 35.31 7.85
C LEU E 146 -33.59 36.43 7.95
N ASP E 147 -33.82 37.11 6.83
CA ASP E 147 -34.80 38.19 6.79
C ASP E 147 -36.11 37.51 6.43
N ALA E 148 -36.91 37.23 7.44
CA ALA E 148 -38.05 36.34 7.27
C ALA E 148 -39.26 37.07 6.70
N GLY E 149 -39.30 38.39 6.84
CA GLY E 149 -40.34 39.16 6.17
C GLY E 149 -40.16 39.11 4.67
N ARG E 150 -38.93 39.29 4.20
CA ARG E 150 -38.64 39.28 2.78
C ARG E 150 -38.70 37.86 2.22
N ALA E 151 -38.35 36.86 3.03
CA ALA E 151 -38.18 35.49 2.57
C ALA E 151 -39.47 34.68 2.56
N ALA E 152 -40.54 35.18 3.18
CA ALA E 152 -41.78 34.41 3.23
C ALA E 152 -42.77 34.79 2.14
N LYS E 153 -42.47 35.82 1.33
CA LYS E 153 -43.37 36.21 0.27
C LYS E 153 -43.29 35.19 -0.87
N LEU E 154 -44.44 34.88 -1.46
CA LEU E 154 -44.54 33.71 -2.31
C LEU E 154 -43.87 33.93 -3.66
N CYS E 155 -43.46 32.82 -4.28
CA CYS E 155 -42.96 32.83 -5.64
C CYS E 155 -44.12 32.82 -6.62
N SER E 156 -43.90 33.43 -7.79
CA SER E 156 -44.98 33.53 -8.77
C SER E 156 -45.34 32.18 -9.37
N GLU E 157 -44.39 31.26 -9.46
CA GLU E 157 -44.63 29.91 -9.99
C GLU E 157 -44.11 28.87 -9.01
N ASN E 158 -44.54 27.63 -9.20
CA ASN E 158 -44.20 26.53 -8.30
C ASN E 158 -43.55 25.41 -9.11
N ASN E 159 -42.26 25.19 -8.88
CA ASN E 159 -41.55 24.06 -9.48
C ASN E 159 -41.42 22.90 -8.50
N THR E 160 -41.97 23.04 -7.30
CA THR E 160 -41.78 22.07 -6.24
C THR E 160 -42.76 20.91 -6.35
N ALA E 161 -42.32 19.72 -5.93
CA ALA E 161 -43.18 18.55 -5.93
C ALA E 161 -44.10 18.49 -4.72
N ASN E 162 -43.61 18.92 -3.55
CA ASN E 162 -44.27 18.61 -2.30
C ASN E 162 -45.17 19.74 -1.75
N PHE E 163 -45.21 20.92 -2.36
CA PHE E 163 -46.02 22.00 -1.81
C PHE E 163 -47.06 22.52 -2.79
N LYS E 164 -48.18 22.99 -2.22
CA LYS E 164 -49.23 23.59 -3.03
C LYS E 164 -48.81 24.95 -3.57
N ARG E 165 -48.01 25.70 -2.82
CA ARG E 165 -47.47 26.98 -3.24
C ARG E 165 -45.96 26.98 -3.00
N CYS E 166 -45.27 27.96 -3.56
CA CYS E 166 -43.83 28.02 -3.40
C CYS E 166 -43.43 29.32 -2.71
N SER E 167 -42.35 29.23 -1.94
CA SER E 167 -41.71 30.38 -1.32
C SER E 167 -40.20 30.12 -1.33
N PRO E 168 -39.39 31.17 -1.20
CA PRO E 168 -37.92 30.96 -1.22
C PRO E 168 -37.39 30.20 -0.02
N LEU E 169 -38.17 30.09 1.05
CA LEU E 169 -37.86 29.13 2.10
C LEU E 169 -37.70 27.73 1.53
N VAL E 170 -38.38 27.49 0.41
CA VAL E 170 -38.74 26.16 -0.05
C VAL E 170 -38.00 25.79 -1.33
N CYS E 171 -38.14 26.61 -2.37
CA CYS E 171 -37.39 26.39 -3.59
C CYS E 171 -35.93 26.79 -3.44
N GLY E 172 -35.51 27.10 -2.22
CA GLY E 172 -34.11 27.24 -1.91
C GLY E 172 -33.51 28.58 -2.21
N LYS E 173 -34.30 29.53 -2.73
CA LYS E 173 -33.75 30.85 -2.99
C LYS E 173 -33.17 31.47 -1.73
N ALA E 174 -33.96 31.51 -0.64
CA ALA E 174 -33.57 32.05 0.66
C ALA E 174 -32.84 31.05 1.56
N ILE E 175 -33.26 29.80 1.57
CA ILE E 175 -32.88 28.83 2.59
C ILE E 175 -32.35 27.55 1.95
N GLN E 176 -31.19 27.09 2.38
CA GLN E 176 -30.57 25.90 1.79
C GLN E 176 -29.95 25.05 2.88
N LEU E 177 -29.79 23.76 2.58
CA LEU E 177 -29.31 22.76 3.53
C LEU E 177 -28.12 22.01 2.94
N ARG E 178 -27.03 21.94 3.71
CA ARG E 178 -25.78 21.31 3.28
C ARG E 178 -25.61 19.99 4.00
N ASP E 179 -25.45 18.93 3.24
CA ASP E 179 -25.08 17.65 3.84
C ASP E 179 -23.76 17.84 4.57
N ARG E 180 -23.67 17.31 5.78
CA ARG E 180 -22.36 17.34 6.41
C ARG E 180 -21.50 16.18 5.91
N LYS E 181 -22.08 14.99 5.80
CA LYS E 181 -21.37 13.87 5.16
C LYS E 181 -21.03 14.17 3.70
N SER E 182 -22.03 14.18 2.82
CA SER E 182 -21.80 14.27 1.38
C SER E 182 -21.88 15.70 0.82
N LYS E 183 -22.03 16.70 1.68
CA LYS E 183 -21.88 18.13 1.31
C LYS E 183 -22.72 18.50 0.10
N VAL E 184 -24.00 18.18 0.17
CA VAL E 184 -24.95 18.36 -0.93
C VAL E 184 -25.70 19.67 -0.73
N ARG E 185 -26.02 20.33 -1.84
CA ARG E 185 -26.85 21.53 -1.81
C ARG E 185 -28.31 21.08 -1.98
N TYR E 186 -29.10 21.20 -0.91
CA TYR E 186 -30.51 20.82 -0.92
C TYR E 186 -31.38 22.01 -0.58
N SER E 187 -32.37 22.31 -1.42
CA SER E 187 -33.52 23.11 -1.01
C SER E 187 -34.50 22.23 -0.22
N VAL E 188 -35.34 22.85 0.61
CA VAL E 188 -36.18 22.01 1.47
C VAL E 188 -37.23 21.25 0.67
N ASP E 189 -37.63 21.72 -0.51
CA ASP E 189 -38.51 20.91 -1.34
C ASP E 189 -37.89 19.58 -1.71
N THR E 190 -36.56 19.55 -1.87
CA THR E 190 -35.90 18.30 -2.17
C THR E 190 -35.33 17.57 -0.95
N VAL E 191 -35.29 18.20 0.24
CA VAL E 191 -34.98 17.39 1.41
C VAL E 191 -36.21 16.65 1.93
N VAL E 192 -37.41 17.07 1.55
CA VAL E 192 -38.56 16.23 1.84
C VAL E 192 -38.65 15.09 0.85
N SER E 193 -38.36 15.36 -0.42
CA SER E 193 -38.26 14.28 -1.41
C SER E 193 -37.34 13.18 -0.90
N GLU E 194 -36.15 13.55 -0.42
CA GLU E 194 -35.15 12.56 -0.05
C GLU E 194 -35.47 11.81 1.24
N LEU E 195 -36.15 12.44 2.18
CA LEU E 195 -36.42 11.69 3.40
C LEU E 195 -37.62 10.77 3.22
N ILE E 196 -38.69 11.25 2.56
CA ILE E 196 -39.82 10.35 2.29
C ILE E 196 -39.40 9.26 1.31
N ARG E 197 -38.48 9.57 0.39
CA ARG E 197 -37.92 8.52 -0.45
C ARG E 197 -37.06 7.56 0.35
N GLU E 198 -36.40 8.02 1.41
CA GLU E 198 -35.51 7.11 2.13
C GLU E 198 -36.29 6.19 3.07
N TYR E 199 -37.45 6.61 3.58
CA TYR E 199 -38.24 5.68 4.37
C TYR E 199 -39.32 4.98 3.57
N SER E 200 -39.57 5.41 2.33
CA SER E 200 -40.39 4.60 1.43
C SER E 200 -39.71 3.26 1.16
N ASN E 201 -38.41 3.29 0.84
CA ASN E 201 -37.65 2.06 0.66
C ASN E 201 -37.11 1.47 1.96
N ARG E 202 -37.06 2.26 3.04
CA ARG E 202 -36.74 1.69 4.34
C ARG E 202 -37.86 0.80 4.85
N SER E 203 -39.10 1.05 4.41
CA SER E 203 -40.21 0.16 4.73
C SER E 203 -40.12 -1.13 3.92
N ALA E 204 -39.70 -1.04 2.66
CA ALA E 204 -39.55 -2.20 1.80
C ALA E 204 -38.58 -3.25 2.38
N ILE E 205 -37.31 -2.89 2.49
CA ILE E 205 -36.26 -3.86 2.81
C ILE E 205 -36.45 -4.45 4.20
N GLY E 206 -36.85 -3.63 5.18
CA GLY E 206 -36.74 -4.05 6.56
C GLY E 206 -37.69 -5.17 6.94
N ASN E 207 -38.94 -5.09 6.50
CA ASN E 207 -39.97 -5.99 7.01
C ASN E 207 -39.91 -7.36 6.36
N THR E 208 -39.47 -7.44 5.10
CA THR E 208 -39.20 -8.74 4.50
C THR E 208 -38.03 -9.43 5.20
N ILE E 209 -36.93 -8.70 5.37
CA ILE E 209 -35.76 -9.19 6.10
C ILE E 209 -36.14 -9.66 7.50
N GLU E 210 -36.52 -8.71 8.37
CA GLU E 210 -36.70 -9.02 9.79
C GLU E 210 -37.69 -10.16 10.02
N ALA E 211 -38.53 -10.47 9.01
CA ALA E 211 -39.47 -11.58 9.13
C ALA E 211 -38.76 -12.90 9.37
N LEU E 212 -37.60 -13.10 8.77
CA LEU E 212 -36.86 -14.36 8.86
C LEU E 212 -36.18 -14.56 10.20
N PHE E 213 -36.21 -13.56 11.09
CA PHE E 213 -35.48 -13.66 12.34
C PHE E 213 -36.36 -13.27 13.53
N LYS F 2 50.60 6.62 -24.83
CA LYS F 2 49.38 6.73 -24.04
C LYS F 2 48.80 5.37 -23.66
N HIS F 3 49.30 4.29 -24.27
CA HIS F 3 48.75 2.97 -24.04
C HIS F 3 49.61 2.22 -23.02
N ARG F 4 49.14 1.03 -22.62
CA ARG F 4 49.85 0.27 -21.59
C ARG F 4 49.64 -1.24 -21.79
N ILE F 5 50.11 -2.02 -20.79
CA ILE F 5 50.36 -3.45 -20.91
C ILE F 5 49.05 -4.22 -20.83
N GLU F 6 48.91 -5.22 -21.71
CA GLU F 6 47.64 -5.96 -21.77
C GLU F 6 47.45 -6.78 -20.50
N PRO F 7 46.32 -6.64 -19.82
CA PRO F 7 46.08 -7.41 -18.58
C PRO F 7 46.07 -8.91 -18.83
N VAL F 8 46.83 -9.67 -18.02
CA VAL F 8 46.78 -11.11 -18.18
C VAL F 8 45.40 -11.58 -17.74
N CYS F 9 44.75 -12.35 -18.60
CA CYS F 9 43.35 -12.69 -18.46
C CYS F 9 43.19 -14.16 -18.12
N LEU F 10 42.19 -14.46 -17.30
CA LEU F 10 41.76 -15.83 -17.06
C LEU F 10 40.27 -15.94 -17.31
N ILE F 11 39.89 -16.93 -18.11
CA ILE F 11 38.50 -17.31 -18.29
C ILE F 11 38.33 -18.72 -17.73
N ILE F 12 37.25 -18.92 -16.99
CA ILE F 12 36.92 -20.22 -16.43
C ILE F 12 35.69 -20.75 -17.14
N ARG F 13 35.66 -22.07 -17.35
CA ARG F 13 34.60 -22.74 -18.07
C ARG F 13 34.05 -23.88 -17.23
N GLY F 14 32.74 -24.00 -17.13
CA GLY F 14 32.17 -25.13 -16.44
C GLY F 14 30.65 -25.11 -16.48
N SER F 15 30.07 -26.26 -16.16
CA SER F 15 28.62 -26.37 -16.08
C SER F 15 28.12 -25.49 -14.94
N PRO F 16 26.91 -24.93 -15.06
CA PRO F 16 26.40 -24.06 -13.99
C PRO F 16 26.33 -24.77 -12.66
N GLY F 17 26.66 -24.04 -11.59
CA GLY F 17 26.76 -24.59 -10.26
C GLY F 17 28.10 -25.22 -9.92
N THR F 18 28.99 -25.40 -10.90
CA THR F 18 30.29 -26.01 -10.67
C THR F 18 31.23 -25.14 -9.84
N GLY F 19 30.87 -23.90 -9.53
CA GLY F 19 31.65 -23.07 -8.65
C GLY F 19 32.55 -22.03 -9.30
N LYS F 20 32.54 -21.93 -10.63
CA LYS F 20 33.43 -21.00 -11.31
C LYS F 20 33.15 -19.53 -11.01
N SER F 21 32.01 -19.20 -10.41
CA SER F 21 31.81 -17.80 -10.03
C SER F 21 32.52 -17.46 -8.72
N LEU F 22 32.50 -18.38 -7.75
CA LEU F 22 33.26 -18.12 -6.54
C LEU F 22 34.76 -18.21 -6.80
N ALA F 23 35.15 -18.99 -7.81
CA ALA F 23 36.57 -19.06 -8.15
C ALA F 23 37.08 -17.73 -8.70
N THR F 24 36.41 -17.18 -9.71
CA THR F 24 36.89 -15.94 -10.32
C THR F 24 37.02 -14.84 -9.28
N GLY F 25 36.04 -14.75 -8.36
CA GLY F 25 36.09 -13.71 -7.35
C GLY F 25 37.09 -13.98 -6.25
N ILE F 26 37.42 -15.25 -6.00
CA ILE F 26 38.39 -15.56 -4.96
C ILE F 26 39.82 -15.43 -5.48
N ILE F 27 40.05 -15.70 -6.77
CA ILE F 27 41.36 -15.42 -7.34
C ILE F 27 41.48 -13.92 -7.62
N ALA F 28 40.36 -13.27 -7.97
CA ALA F 28 40.37 -11.84 -8.18
C ALA F 28 40.79 -11.12 -6.92
N ARG F 29 40.31 -11.58 -5.76
CA ARG F 29 40.63 -10.84 -4.56
C ARG F 29 42.05 -11.12 -4.08
N ALA F 30 42.55 -12.35 -4.28
CA ALA F 30 43.91 -12.66 -3.84
C ALA F 30 44.95 -11.88 -4.62
N ILE F 31 44.69 -11.64 -5.92
CA ILE F 31 45.57 -10.76 -6.69
C ILE F 31 45.46 -9.33 -6.19
N ALA F 32 44.23 -8.82 -6.08
CA ALA F 32 44.03 -7.44 -5.70
C ALA F 32 44.43 -7.13 -4.26
N ASP F 33 44.71 -8.14 -3.43
CA ASP F 33 45.31 -7.85 -2.13
C ASP F 33 46.82 -7.70 -2.23
N LYS F 34 47.49 -8.57 -3.00
CA LYS F 34 48.93 -8.41 -3.24
C LYS F 34 49.26 -7.01 -3.74
N TYR F 35 48.43 -6.48 -4.64
CA TYR F 35 48.60 -5.16 -5.25
C TYR F 35 47.83 -4.05 -4.54
N HIS F 36 47.24 -4.33 -3.39
CA HIS F 36 46.65 -3.31 -2.52
C HIS F 36 45.51 -2.57 -3.20
N SER F 37 44.96 -3.20 -4.23
CA SER F 37 43.87 -2.67 -5.01
C SER F 37 42.56 -3.19 -4.44
N SER F 38 41.48 -3.01 -5.19
CA SER F 38 40.23 -3.69 -4.95
C SER F 38 39.84 -4.44 -6.23
N VAL F 39 38.67 -5.05 -6.23
CA VAL F 39 38.16 -5.74 -7.41
C VAL F 39 36.97 -4.95 -7.93
N TYR F 40 36.91 -4.76 -9.24
CA TYR F 40 35.73 -4.19 -9.86
C TYR F 40 34.97 -5.32 -10.53
N SER F 41 33.81 -5.64 -9.98
CA SER F 41 32.98 -6.73 -10.48
C SER F 41 32.03 -6.18 -11.53
N LEU F 42 32.19 -6.64 -12.76
CA LEU F 42 31.28 -6.35 -13.83
C LEU F 42 30.02 -7.19 -13.70
N PRO F 43 28.84 -6.60 -13.88
CA PRO F 43 27.61 -7.38 -13.89
C PRO F 43 27.51 -8.19 -15.18
N PRO F 44 26.70 -9.25 -15.19
CA PRO F 44 26.35 -9.88 -16.47
C PRO F 44 25.76 -8.84 -17.42
N ASP F 45 26.08 -8.96 -18.71
CA ASP F 45 25.59 -8.07 -19.75
C ASP F 45 25.83 -6.59 -19.45
N PRO F 46 27.07 -6.19 -19.19
CA PRO F 46 27.32 -4.82 -18.68
C PRO F 46 26.98 -3.74 -19.71
N ASP F 47 26.27 -2.71 -19.23
CA ASP F 47 26.05 -1.51 -20.03
C ASP F 47 26.95 -0.33 -19.69
N HIS F 48 27.59 -0.32 -18.51
CA HIS F 48 28.44 0.78 -18.07
C HIS F 48 29.33 0.29 -16.93
N PHE F 49 30.46 1.00 -16.66
CA PHE F 49 31.27 0.62 -15.49
C PHE F 49 31.05 1.63 -14.38
N ASP F 50 30.20 1.30 -13.43
CA ASP F 50 29.85 2.24 -12.37
C ASP F 50 30.86 2.14 -11.24
N GLY F 51 31.49 3.27 -10.92
CA GLY F 51 32.42 3.26 -9.81
C GLY F 51 33.62 2.39 -10.01
N TYR F 52 33.97 2.07 -11.25
CA TYR F 52 35.27 1.45 -11.47
C TYR F 52 36.31 2.53 -11.34
N LYS F 53 37.14 2.45 -10.31
CA LYS F 53 38.25 3.38 -10.19
C LYS F 53 39.52 2.55 -10.04
N GLN F 54 40.20 2.38 -11.18
CA GLN F 54 41.61 2.02 -11.23
C GLN F 54 42.00 0.90 -10.27
N GLN F 55 41.14 -0.12 -10.19
CA GLN F 55 41.52 -1.34 -9.49
C GLN F 55 42.50 -2.16 -10.33
N VAL F 56 43.32 -2.97 -9.65
CA VAL F 56 44.24 -3.83 -10.38
C VAL F 56 43.49 -4.97 -11.08
N VAL F 57 42.34 -5.39 -10.55
CA VAL F 57 41.62 -6.55 -11.05
C VAL F 57 40.20 -6.15 -11.42
N THR F 58 39.72 -6.68 -12.55
CA THR F 58 38.35 -6.47 -13.01
C THR F 58 37.77 -7.83 -13.41
N VAL F 59 36.76 -8.31 -12.67
CA VAL F 59 36.16 -9.60 -12.94
C VAL F 59 34.91 -9.40 -13.79
N MET F 60 34.75 -10.28 -14.79
CA MET F 60 33.73 -10.23 -15.82
C MET F 60 33.00 -11.55 -15.70
N ASP F 61 31.73 -11.54 -15.33
CA ASP F 61 31.08 -12.82 -15.05
C ASP F 61 30.04 -13.16 -16.10
N ASP F 62 29.84 -14.45 -16.33
CA ASP F 62 28.91 -14.92 -17.35
C ASP F 62 29.23 -14.26 -18.69
N LEU F 63 30.53 -14.13 -18.96
CA LEU F 63 31.03 -13.43 -20.12
C LEU F 63 30.57 -14.13 -21.40
N CYS F 64 30.52 -13.35 -22.49
CA CYS F 64 29.92 -13.80 -23.75
C CYS F 64 28.50 -14.29 -23.50
N GLN F 65 27.75 -13.51 -22.75
CA GLN F 65 26.45 -13.96 -22.32
C GLN F 65 25.54 -14.15 -23.53
N ASN F 66 24.49 -14.94 -23.34
CA ASN F 66 23.63 -15.30 -24.46
C ASN F 66 22.99 -14.15 -25.24
N PRO F 67 22.62 -12.97 -24.66
CA PRO F 67 21.78 -12.06 -25.46
C PRO F 67 22.41 -11.43 -26.72
N ASP F 68 23.42 -10.55 -26.60
CA ASP F 68 24.03 -9.99 -27.80
C ASP F 68 25.49 -10.31 -28.04
N GLY F 69 26.21 -10.90 -27.11
CA GLY F 69 27.65 -10.78 -27.20
C GLY F 69 28.17 -9.35 -27.09
N LYS F 70 27.34 -8.41 -26.61
CA LYS F 70 27.85 -7.09 -26.20
C LYS F 70 28.93 -7.22 -25.15
N ASP F 71 28.98 -8.36 -24.44
CA ASP F 71 30.11 -8.62 -23.56
C ASP F 71 31.39 -8.70 -24.37
N MET F 72 31.33 -9.19 -25.61
CA MET F 72 32.55 -9.23 -26.42
C MET F 72 33.01 -7.85 -26.85
N SER F 73 32.09 -6.92 -27.09
CA SER F 73 32.50 -5.62 -27.65
C SER F 73 33.46 -4.89 -26.72
N LEU F 74 33.17 -4.87 -25.42
CA LEU F 74 34.03 -4.19 -24.46
C LEU F 74 35.22 -5.06 -24.02
N PHE F 75 35.01 -6.37 -23.83
CA PHE F 75 36.12 -7.26 -23.44
C PHE F 75 37.30 -7.09 -24.38
N CYS F 76 37.04 -6.99 -25.68
CA CYS F 76 38.12 -6.80 -26.63
C CYS F 76 38.89 -5.52 -26.35
N GLN F 77 38.24 -4.54 -25.76
CA GLN F 77 38.90 -3.32 -25.34
C GLN F 77 39.28 -3.34 -23.86
N MET F 78 38.97 -4.41 -23.15
CA MET F 78 39.39 -4.59 -21.76
C MET F 78 40.88 -4.88 -21.70
N VAL F 79 41.27 -6.06 -22.16
CA VAL F 79 42.68 -6.42 -22.29
C VAL F 79 43.05 -6.22 -23.76
N SER F 80 43.83 -5.17 -23.99
CA SER F 80 44.22 -4.76 -25.33
C SER F 80 45.45 -3.88 -25.18
N THR F 81 45.98 -3.45 -26.32
CA THR F 81 47.12 -2.53 -26.26
C THR F 81 46.69 -1.08 -26.11
N VAL F 82 45.50 -0.69 -26.57
CA VAL F 82 45.17 0.71 -26.83
C VAL F 82 44.19 1.24 -25.77
N ASP F 83 44.28 2.55 -25.53
CA ASP F 83 43.64 3.24 -24.41
C ASP F 83 42.11 3.22 -24.51
N PHE F 84 41.44 3.07 -23.37
CA PHE F 84 39.99 2.89 -23.31
C PHE F 84 39.41 3.70 -22.15
N ILE F 85 38.46 4.58 -22.46
CA ILE F 85 37.66 5.30 -21.47
C ILE F 85 36.22 4.80 -21.60
N PRO F 86 35.65 4.18 -20.58
CA PRO F 86 34.52 3.28 -20.78
C PRO F 86 33.19 4.02 -20.85
N PRO F 87 32.09 3.31 -21.12
CA PRO F 87 30.76 3.91 -21.01
C PRO F 87 30.37 4.09 -19.54
N MET F 88 29.69 5.21 -19.26
CA MET F 88 29.35 5.60 -17.90
C MET F 88 27.96 6.21 -17.79
N ALA F 89 27.19 5.77 -16.79
CA ALA F 89 25.88 6.31 -16.49
C ALA F 89 25.96 7.81 -16.19
N SER F 90 26.55 8.16 -15.05
CA SER F 90 26.66 9.55 -14.64
C SER F 90 27.98 10.15 -15.11
N LEU F 91 27.94 11.44 -15.44
CA LEU F 91 29.11 12.18 -15.88
C LEU F 91 29.98 12.64 -14.72
N ALA F 92 29.67 12.18 -13.50
CA ALA F 92 30.55 12.38 -12.35
C ALA F 92 31.90 11.68 -12.54
N GLU F 93 31.89 10.36 -12.76
CA GLU F 93 33.11 9.67 -13.20
C GLU F 93 32.95 9.37 -14.69
N ALA F 94 33.61 10.18 -15.51
CA ALA F 94 33.62 10.05 -16.97
C ALA F 94 35.01 10.43 -17.46
N GLY F 95 35.63 9.54 -18.23
CA GLY F 95 36.96 9.78 -18.76
C GLY F 95 38.08 9.01 -18.08
N VAL F 96 37.80 8.27 -17.00
CA VAL F 96 38.85 7.49 -16.34
C VAL F 96 39.23 6.30 -17.21
N SER F 97 40.53 6.17 -17.49
CA SER F 97 41.03 5.11 -18.34
C SER F 97 41.13 3.79 -17.58
N PHE F 98 41.08 2.69 -18.33
CA PHE F 98 41.03 1.35 -17.73
C PHE F 98 42.46 0.85 -17.59
N THR F 99 42.97 0.87 -16.35
CA THR F 99 44.33 0.45 -16.04
C THR F 99 44.44 -0.92 -15.38
N SER F 100 43.33 -1.64 -15.19
CA SER F 100 43.38 -2.92 -14.48
C SER F 100 44.44 -3.82 -15.06
N LYS F 101 45.24 -4.42 -14.17
CA LYS F 101 46.38 -5.22 -14.59
C LYS F 101 45.97 -6.64 -14.96
N PHE F 102 44.87 -7.17 -14.40
CA PHE F 102 44.33 -8.47 -14.78
C PHE F 102 42.84 -8.34 -15.08
N VAL F 103 42.32 -9.29 -15.86
CA VAL F 103 40.88 -9.43 -16.09
C VAL F 103 40.49 -10.90 -16.05
N ILE F 104 39.61 -11.28 -15.11
CA ILE F 104 39.19 -12.67 -14.93
C ILE F 104 37.74 -12.81 -15.34
N ALA F 105 37.44 -13.87 -16.09
CA ALA F 105 36.09 -14.11 -16.56
C ALA F 105 35.59 -15.50 -16.15
N SER F 106 34.32 -15.75 -16.47
CA SER F 106 33.71 -17.06 -16.36
C SER F 106 32.54 -17.12 -17.35
N THR F 107 32.27 -18.31 -17.86
CA THR F 107 31.43 -18.51 -19.03
C THR F 107 30.56 -19.72 -18.72
N ASN F 108 29.96 -20.34 -19.73
CA ASN F 108 29.40 -21.68 -19.56
C ASN F 108 30.38 -22.74 -20.08
N ALA F 109 29.98 -24.00 -19.98
CA ALA F 109 30.92 -25.11 -20.14
C ALA F 109 31.32 -25.32 -21.60
N THR F 110 30.34 -25.56 -22.46
CA THR F 110 30.59 -25.93 -23.86
C THR F 110 30.34 -24.84 -24.89
N ASN F 111 30.00 -23.62 -24.49
CA ASN F 111 29.59 -22.60 -25.45
C ASN F 111 30.80 -21.88 -26.08
N ILE F 112 30.87 -21.89 -27.42
CA ILE F 112 31.93 -21.20 -28.15
C ILE F 112 31.58 -19.72 -28.25
N ILE F 113 32.52 -18.88 -27.85
CA ILE F 113 32.17 -17.54 -27.43
C ILE F 113 32.71 -16.42 -28.33
N SER F 118 33.81 -15.12 -36.16
CA SER F 118 34.33 -14.02 -36.96
C SER F 118 35.85 -13.99 -36.89
N ASP F 119 36.42 -13.04 -36.14
CA ASP F 119 37.87 -12.94 -35.98
C ASP F 119 38.19 -13.57 -34.64
N SER F 120 38.61 -14.84 -34.65
CA SER F 120 38.69 -15.60 -33.42
C SER F 120 40.09 -15.64 -32.81
N ASP F 121 41.11 -15.28 -33.57
CA ASP F 121 42.45 -15.80 -33.31
C ASP F 121 43.29 -14.87 -32.42
N ALA F 122 43.53 -13.64 -32.89
CA ALA F 122 44.25 -12.61 -32.14
C ALA F 122 43.52 -12.21 -30.86
N ILE F 123 42.36 -12.81 -30.63
CA ILE F 123 41.47 -12.51 -29.50
C ILE F 123 41.58 -13.57 -28.41
N ARG F 124 41.42 -14.86 -28.78
CA ARG F 124 41.69 -15.96 -27.85
C ARG F 124 43.12 -15.93 -27.28
N ARG F 125 44.00 -15.07 -27.82
CA ARG F 125 45.29 -14.79 -27.19
C ARG F 125 45.21 -13.80 -26.05
N ARG F 126 44.05 -13.18 -25.83
CA ARG F 126 43.92 -12.31 -24.68
C ARG F 126 43.67 -13.12 -23.42
N PHE F 127 42.99 -14.27 -23.55
CA PHE F 127 43.18 -15.22 -22.49
C PHE F 127 44.67 -15.46 -22.56
N TYR F 128 45.42 -15.10 -21.53
CA TYR F 128 46.60 -15.90 -21.29
C TYR F 128 46.16 -17.32 -21.00
N MET F 129 45.46 -17.51 -19.89
CA MET F 129 44.91 -18.82 -19.53
C MET F 129 43.40 -18.89 -19.70
N ASP F 130 42.98 -19.95 -20.37
CA ASP F 130 41.60 -20.39 -20.46
C ASP F 130 41.50 -21.70 -19.69
N CYS F 131 40.53 -21.80 -18.79
CA CYS F 131 40.45 -22.97 -17.91
C CYS F 131 39.05 -23.55 -17.84
N ASP F 132 39.01 -24.86 -17.65
CA ASP F 132 37.82 -25.60 -17.29
C ASP F 132 37.79 -25.79 -15.78
N ILE F 133 36.78 -25.22 -15.12
CA ILE F 133 36.57 -25.53 -13.70
C ILE F 133 36.30 -27.02 -13.58
N GLU F 134 36.80 -27.62 -12.51
CA GLU F 134 36.69 -29.05 -12.41
C GLU F 134 36.51 -29.42 -10.95
N VAL F 135 35.50 -30.23 -10.64
CA VAL F 135 35.03 -30.41 -9.26
C VAL F 135 35.34 -31.84 -8.82
N THR F 136 36.06 -31.94 -7.69
CA THR F 136 36.40 -33.23 -7.10
C THR F 136 35.15 -34.02 -6.72
N ASP F 137 35.19 -35.33 -6.99
CA ASP F 137 34.08 -36.21 -6.63
C ASP F 137 33.75 -36.11 -5.15
N SER F 138 34.78 -36.09 -4.30
CA SER F 138 34.56 -35.96 -2.86
C SER F 138 33.71 -34.73 -2.54
N TYR F 139 33.84 -33.67 -3.33
CA TYR F 139 33.01 -32.48 -3.20
C TYR F 139 31.92 -32.35 -4.25
N LYS F 140 31.84 -33.27 -5.21
CA LYS F 140 30.86 -33.13 -6.28
C LYS F 140 29.47 -33.51 -5.77
N THR F 141 28.50 -32.62 -6.01
CA THR F 141 27.16 -32.81 -5.46
C THR F 141 26.43 -33.92 -6.20
N ASP F 142 25.32 -34.36 -5.59
CA ASP F 142 24.51 -35.46 -6.07
C ASP F 142 24.32 -35.40 -7.58
N LEU F 143 24.04 -34.20 -8.10
CA LEU F 143 23.78 -34.00 -9.52
C LEU F 143 24.94 -33.37 -10.28
N GLY F 144 26.11 -33.21 -9.66
CA GLY F 144 27.31 -32.81 -10.39
C GLY F 144 27.81 -31.40 -10.10
N ARG F 145 27.06 -30.61 -9.36
CA ARG F 145 27.54 -29.32 -8.90
C ARG F 145 28.46 -29.56 -7.72
N LEU F 146 28.89 -28.50 -7.04
CA LEU F 146 29.75 -28.70 -5.88
C LEU F 146 28.99 -28.33 -4.61
N ASP F 147 29.38 -28.98 -3.52
CA ASP F 147 28.79 -28.66 -2.23
C ASP F 147 29.65 -27.54 -1.68
N ALA F 148 29.16 -26.31 -1.78
CA ALA F 148 29.92 -25.18 -1.29
C ALA F 148 29.92 -25.16 0.22
N GLY F 149 28.91 -25.79 0.82
CA GLY F 149 28.85 -25.97 2.26
C GLY F 149 30.04 -26.75 2.76
N ARG F 150 30.27 -27.95 2.23
CA ARG F 150 31.49 -28.68 2.57
C ARG F 150 32.72 -27.93 2.08
N ALA F 151 32.78 -27.64 0.78
CA ALA F 151 34.01 -27.19 0.16
C ALA F 151 34.56 -25.92 0.78
N ALA F 152 33.80 -25.22 1.60
CA ALA F 152 34.27 -23.99 2.22
C ALA F 152 34.81 -24.20 3.63
N LYS F 153 34.84 -25.43 4.14
CA LYS F 153 35.41 -25.66 5.47
C LYS F 153 36.90 -25.35 5.46
N LEU F 154 37.38 -24.74 6.54
CA LEU F 154 38.79 -24.36 6.60
C LEU F 154 39.67 -25.57 6.78
N CYS F 155 40.85 -25.53 6.15
CA CYS F 155 41.84 -26.59 6.29
C CYS F 155 42.65 -26.43 7.57
N SER F 156 42.92 -27.56 8.24
CA SER F 156 43.82 -27.53 9.38
C SER F 156 45.20 -27.02 9.00
N GLU F 157 45.62 -27.24 7.75
CA GLU F 157 46.93 -26.87 7.25
C GLU F 157 46.87 -25.54 6.49
N ASN F 158 48.04 -24.99 6.16
CA ASN F 158 48.11 -23.99 5.09
C ASN F 158 49.46 -24.10 4.41
N ASN F 159 49.51 -24.64 3.20
CA ASN F 159 50.69 -24.52 2.34
C ASN F 159 50.45 -23.65 1.11
N THR F 160 49.31 -22.97 1.04
CA THR F 160 49.09 -21.97 0.01
C THR F 160 50.09 -20.83 0.14
N ALA F 161 50.49 -20.25 -1.00
CA ALA F 161 51.39 -19.10 -0.99
C ALA F 161 50.67 -17.76 -0.97
N ASN F 162 49.40 -17.73 -1.35
CA ASN F 162 48.67 -16.49 -1.52
C ASN F 162 47.58 -16.21 -0.46
N PHE F 163 47.28 -17.14 0.45
CA PHE F 163 46.12 -16.94 1.30
C PHE F 163 46.48 -17.09 2.78
N LYS F 164 45.72 -16.38 3.61
CA LYS F 164 45.99 -16.35 5.04
C LYS F 164 45.50 -17.60 5.75
N ARG F 165 44.42 -18.21 5.27
CA ARG F 165 44.05 -19.55 5.68
C ARG F 165 43.73 -20.35 4.42
N CYS F 166 43.43 -21.62 4.60
CA CYS F 166 43.27 -22.54 3.50
C CYS F 166 41.89 -23.18 3.54
N SER F 167 41.54 -23.81 2.43
CA SER F 167 40.23 -24.41 2.21
C SER F 167 40.32 -25.18 0.91
N PRO F 168 39.51 -26.23 0.74
CA PRO F 168 39.69 -27.09 -0.44
C PRO F 168 39.33 -26.41 -1.75
N LEU F 169 38.64 -25.28 -1.70
CA LEU F 169 38.56 -24.41 -2.88
C LEU F 169 39.95 -23.99 -3.34
N VAL F 170 40.77 -23.55 -2.38
CA VAL F 170 42.03 -22.89 -2.66
C VAL F 170 43.17 -23.87 -2.90
N CYS F 171 43.23 -24.97 -2.16
CA CYS F 171 44.35 -25.89 -2.27
C CYS F 171 44.13 -26.99 -3.31
N GLY F 172 43.02 -26.93 -4.05
CA GLY F 172 42.74 -27.91 -5.06
C GLY F 172 42.02 -29.16 -4.59
N LYS F 173 41.88 -29.35 -3.27
CA LYS F 173 41.24 -30.56 -2.77
C LYS F 173 39.81 -30.71 -3.29
N ALA F 174 39.08 -29.60 -3.35
CA ALA F 174 37.70 -29.56 -3.85
C ALA F 174 37.64 -29.07 -5.28
N ILE F 175 38.18 -27.88 -5.53
CA ILE F 175 38.04 -27.17 -6.78
C ILE F 175 39.38 -27.18 -7.50
N GLN F 176 39.35 -27.48 -8.80
CA GLN F 176 40.56 -27.54 -9.59
C GLN F 176 40.37 -26.86 -10.94
N LEU F 177 41.46 -26.28 -11.44
CA LEU F 177 41.51 -25.62 -12.74
C LEU F 177 42.51 -26.33 -13.65
N ARG F 178 42.03 -26.74 -14.81
CA ARG F 178 42.83 -27.43 -15.82
C ARG F 178 42.89 -26.56 -17.05
N ASP F 179 44.09 -26.10 -17.38
CA ASP F 179 44.33 -25.29 -18.56
C ASP F 179 43.83 -26.01 -19.81
N ARG F 180 43.38 -25.22 -20.78
CA ARG F 180 42.96 -25.79 -22.06
C ARG F 180 44.16 -26.11 -22.94
N LYS F 181 45.16 -25.23 -22.96
CA LYS F 181 46.37 -25.50 -23.75
C LYS F 181 47.29 -26.48 -23.03
N SER F 182 47.91 -26.02 -21.94
CA SER F 182 48.90 -26.86 -21.25
C SER F 182 48.29 -28.12 -20.68
N LYS F 183 46.98 -28.13 -20.42
CA LYS F 183 46.29 -29.26 -19.78
C LYS F 183 46.90 -29.59 -18.43
N VAL F 184 47.59 -28.60 -17.87
CA VAL F 184 48.10 -28.67 -16.51
C VAL F 184 46.96 -28.43 -15.56
N ARG F 185 46.87 -29.25 -14.53
CA ARG F 185 45.79 -29.14 -13.58
C ARG F 185 46.35 -28.34 -12.39
N TYR F 186 45.65 -27.28 -12.02
CA TYR F 186 46.08 -26.39 -10.93
C TYR F 186 44.96 -26.24 -9.91
N SER F 187 45.36 -26.07 -8.64
CA SER F 187 44.48 -25.46 -7.65
C SER F 187 44.35 -23.98 -7.96
N VAL F 188 43.55 -23.25 -7.17
CA VAL F 188 43.56 -21.81 -7.44
C VAL F 188 44.77 -21.14 -6.80
N ASP F 189 45.30 -21.72 -5.72
CA ASP F 189 46.46 -21.13 -5.07
C ASP F 189 47.67 -21.08 -6.00
N THR F 190 47.89 -22.12 -6.78
CA THR F 190 49.03 -22.09 -7.68
C THR F 190 48.74 -21.30 -8.95
N VAL F 191 47.49 -21.32 -9.43
CA VAL F 191 47.16 -20.57 -10.64
C VAL F 191 47.05 -19.08 -10.37
N VAL F 192 47.00 -18.64 -9.11
CA VAL F 192 47.24 -17.23 -8.83
C VAL F 192 48.73 -16.94 -8.78
N SER F 193 49.54 -17.87 -8.25
CA SER F 193 50.98 -17.76 -8.39
C SER F 193 51.38 -17.56 -9.85
N GLU F 194 50.65 -18.23 -10.76
CA GLU F 194 51.02 -18.21 -12.17
C GLU F 194 50.68 -16.90 -12.86
N LEU F 195 49.52 -16.32 -12.53
CA LEU F 195 49.07 -15.14 -13.29
C LEU F 195 49.91 -13.93 -12.94
N ILE F 196 50.10 -13.64 -11.66
CA ILE F 196 51.05 -12.61 -11.23
C ILE F 196 52.44 -12.88 -11.82
N ARG F 197 52.81 -14.15 -11.95
CA ARG F 197 54.10 -14.50 -12.53
C ARG F 197 54.16 -14.13 -14.01
N GLU F 198 53.10 -14.43 -14.75
CA GLU F 198 53.07 -14.04 -16.15
C GLU F 198 52.92 -12.55 -16.31
N TYR F 199 52.27 -11.88 -15.36
CA TYR F 199 52.27 -10.42 -15.34
C TYR F 199 53.68 -9.87 -15.16
N SER F 200 54.45 -10.45 -14.23
CA SER F 200 55.83 -10.04 -14.03
C SER F 200 56.59 -10.09 -15.35
N ASN F 201 56.44 -11.20 -16.07
CA ASN F 201 56.90 -11.32 -17.44
C ASN F 201 56.31 -10.23 -18.33
N ARG F 202 55.00 -9.99 -18.24
CA ARG F 202 54.37 -8.97 -19.08
C ARG F 202 54.98 -7.60 -18.82
N SER F 203 55.25 -7.27 -17.55
CA SER F 203 55.76 -5.95 -17.22
C SER F 203 57.20 -5.78 -17.68
N ALA F 204 58.02 -6.81 -17.51
CA ALA F 204 59.46 -6.65 -17.72
C ALA F 204 59.82 -6.50 -19.19
N ILE F 205 59.22 -7.33 -20.06
CA ILE F 205 59.70 -7.43 -21.44
C ILE F 205 59.39 -6.15 -22.21
N GLY F 206 58.20 -5.58 -21.99
CA GLY F 206 57.75 -4.46 -22.80
C GLY F 206 58.43 -3.10 -22.52
N ASN F 207 58.59 -2.75 -21.23
CA ASN F 207 59.08 -1.43 -20.85
C ASN F 207 60.44 -1.14 -21.45
N THR F 208 61.35 -2.12 -21.39
CA THR F 208 62.63 -1.98 -22.09
C THR F 208 62.40 -1.80 -23.58
N ILE F 209 61.63 -2.71 -24.19
CA ILE F 209 61.50 -2.76 -25.63
C ILE F 209 60.78 -1.53 -26.18
N GLU F 210 59.52 -1.32 -25.76
CA GLU F 210 58.75 -0.31 -26.48
C GLU F 210 59.17 1.11 -26.12
N ALA F 211 60.01 1.27 -25.10
CA ALA F 211 60.77 2.50 -24.96
C ALA F 211 61.60 2.79 -26.20
N LEU F 212 61.91 1.77 -27.00
CA LEU F 212 62.62 1.97 -28.26
C LEU F 212 61.70 2.40 -29.40
N PHE F 213 60.42 2.03 -29.34
CA PHE F 213 59.44 2.43 -30.36
C PHE F 213 58.23 3.12 -29.75
#